data_6RRM
#
_entry.id   6RRM
#
_cell.length_a   61.220
_cell.length_b   93.570
_cell.length_c   75.490
_cell.angle_alpha   90.000
_cell.angle_beta   93.010
_cell.angle_gamma   90.000
#
_symmetry.space_group_name_H-M   'P 1 21 1'
#
loop_
_entity.id
_entity.type
_entity.pdbx_description
1 polymer 'L,D-transpeptidase 2'
2 non-polymer 'AMMONIUM ION'
3 non-polymer GLYCEROL
4 non-polymer N-phenyl-2-selanylbenzamide
5 non-polymer 1,2-ETHANEDIOL
6 water water
#
_entity_poly.entity_id   1
_entity_poly.type   'polypeptide(L)'
_entity_poly.pdbx_seq_one_letter_code
;SMDLLVPKLTASVTDGAVGVTVDAPVSVTAADGVLAAVTMVNDNGRPVAGRLSPDGLRWSTTEQLGYNRRYTLNATALGL
GGAATRQLTFQTSSPAHLTMPYVMPGDGEVVGVGEPVAIRFDENIADRGAAEKAIKITTNPPVEGAFYWLNNREVRWRPE
HFWKPGTAVDVAVNTYGVDLGEGMFGEDNVQTHFTIGDEVIATADDNTKILTVRVNGEVVKSMPTSMGKDSTPTANGIYI
VGSRYKHIIMDSSTYGVPVNSPNGYRTDVDWATQISYSGVFVHSAPWSVGAQGHTNTSHGCLNVSPSNAQWFYDHVKRGD
IVEVVNTVGGTLPGIDGLGDWNIPWDQWRAGNAKA
;
_entity_poly.pdbx_strand_id   A,B
#
loop_
_chem_comp.id
_chem_comp.type
_chem_comp.name
_chem_comp.formula
9JT non-polymer N-phenyl-2-selanylbenzamide 'C13 H11 N O Se'
EDO non-polymer 1,2-ETHANEDIOL 'C2 H6 O2'
GOL non-polymer GLYCEROL 'C3 H8 O3'
NH4 non-polymer 'AMMONIUM ION' 'H4 N 1'
#
# COMPACT_ATOMS: atom_id res chain seq x y z
N LEU A 4 -36.74 -19.30 4.82
CA LEU A 4 -36.33 -17.90 4.79
C LEU A 4 -34.82 -17.77 4.95
N LEU A 5 -34.31 -16.55 4.81
CA LEU A 5 -32.88 -16.29 4.81
C LEU A 5 -32.46 -15.72 6.17
N VAL A 6 -31.45 -16.33 6.78
CA VAL A 6 -30.98 -15.95 8.11
C VAL A 6 -30.03 -14.75 8.01
N PRO A 7 -30.13 -13.76 8.90
CA PRO A 7 -29.23 -12.59 8.79
C PRO A 7 -27.77 -13.00 8.87
N LYS A 8 -26.94 -12.27 8.14
CA LYS A 8 -25.49 -12.44 8.17
C LYS A 8 -24.84 -11.20 8.77
N LEU A 9 -23.86 -11.42 9.64
CA LEU A 9 -23.09 -10.36 10.27
C LEU A 9 -21.67 -10.38 9.72
N THR A 10 -21.13 -9.20 9.45
CA THR A 10 -19.79 -9.02 8.92
C THR A 10 -19.13 -7.88 9.69
N ALA A 11 -18.09 -8.20 10.45
CA ALA A 11 -17.34 -7.20 11.21
C ALA A 11 -16.01 -6.90 10.52
N SER A 12 -15.50 -5.70 10.77
CA SER A 12 -14.21 -5.31 10.20
C SER A 12 -13.05 -5.84 11.01
N VAL A 13 -13.33 -6.55 12.11
CA VAL A 13 -12.32 -7.26 12.89
C VAL A 13 -12.74 -8.72 12.94
N THR A 14 -11.76 -9.58 13.26
CA THR A 14 -12.03 -11.00 13.46
C THR A 14 -11.89 -11.34 14.95
N ASP A 15 -12.77 -12.20 15.42
CA ASP A 15 -12.65 -12.71 16.77
C ASP A 15 -11.27 -13.34 16.95
N GLY A 16 -10.61 -12.98 18.05
CA GLY A 16 -9.32 -13.56 18.36
C GLY A 16 -8.12 -12.89 17.70
N ALA A 17 -8.34 -11.78 16.99
CA ALA A 17 -7.23 -11.06 16.38
C ALA A 17 -6.39 -10.37 17.44
N VAL A 18 -5.10 -10.24 17.12
CA VAL A 18 -4.15 -9.49 17.94
C VAL A 18 -3.44 -8.50 17.04
N GLY A 19 -2.94 -7.42 17.64
CA GLY A 19 -2.24 -6.39 16.89
C GLY A 19 -3.12 -5.56 16.00
N VAL A 20 -4.40 -5.45 16.30
CA VAL A 20 -5.31 -4.69 15.46
C VAL A 20 -4.92 -3.23 15.51
N THR A 21 -4.79 -2.60 14.34
CA THR A 21 -4.39 -1.21 14.32
C THR A 21 -5.60 -0.32 14.57
N VAL A 22 -5.34 0.82 15.20
CA VAL A 22 -6.37 1.77 15.60
C VAL A 22 -6.34 3.00 14.69
N ASP A 23 -5.89 2.82 13.46
CA ASP A 23 -5.96 3.88 12.46
C ASP A 23 -7.23 3.80 11.63
N ALA A 24 -8.16 2.90 11.97
CA ALA A 24 -9.43 2.82 11.28
C ALA A 24 -10.53 2.55 12.30
N PRO A 25 -11.74 3.03 12.06
CA PRO A 25 -12.86 2.64 12.92
C PRO A 25 -13.22 1.17 12.76
N VAL A 26 -13.88 0.63 13.77
CA VAL A 26 -14.38 -0.74 13.75
C VAL A 26 -15.85 -0.71 13.37
N SER A 27 -16.22 -1.53 12.40
CA SER A 27 -17.58 -1.54 11.85
C SER A 27 -18.18 -2.93 11.92
N VAL A 28 -19.51 -2.96 11.94
CA VAL A 28 -20.30 -4.18 11.82
C VAL A 28 -21.39 -3.93 10.79
N THR A 29 -21.60 -4.91 9.92
CA THR A 29 -22.60 -4.82 8.87
C THR A 29 -23.53 -6.03 8.95
N ALA A 30 -24.81 -5.80 8.71
CA ALA A 30 -25.79 -6.85 8.63
C ALA A 30 -26.30 -6.99 7.21
N ALA A 31 -26.61 -8.23 6.81
CA ALA A 31 -27.23 -8.53 5.55
C ALA A 31 -28.39 -9.49 5.77
N ASP A 32 -29.40 -9.39 4.92
CA ASP A 32 -30.62 -10.18 5.08
C ASP A 32 -31.23 -9.95 6.45
N GLY A 33 -31.13 -8.72 6.93
CA GLY A 33 -31.62 -8.35 8.25
C GLY A 33 -31.06 -7.00 8.64
N VAL A 34 -31.37 -6.60 9.87
CA VAL A 34 -30.91 -5.32 10.37
C VAL A 34 -30.26 -5.54 11.73
N LEU A 35 -29.43 -4.59 12.12
CA LEU A 35 -28.75 -4.64 13.41
C LEU A 35 -29.71 -4.18 14.51
N ALA A 36 -29.99 -5.09 15.45
CA ALA A 36 -30.91 -4.82 16.55
C ALA A 36 -30.19 -4.47 17.84
N ALA A 37 -28.94 -4.88 17.98
CA ALA A 37 -28.14 -4.53 19.13
C ALA A 37 -26.68 -4.60 18.70
N VAL A 38 -25.92 -3.55 19.01
CA VAL A 38 -24.49 -3.54 18.80
C VAL A 38 -23.86 -2.80 19.95
N THR A 39 -22.96 -3.46 20.66
CA THR A 39 -22.23 -2.87 21.78
C THR A 39 -20.77 -3.26 21.67
N MET A 40 -19.92 -2.39 22.21
N MET A 40 -19.91 -2.36 22.14
CA MET A 40 -18.49 -2.65 22.22
CA MET A 40 -18.49 -2.66 22.23
C MET A 40 -17.93 -2.06 23.51
C MET A 40 -17.98 -2.09 23.54
N VAL A 41 -17.17 -2.87 24.25
CA VAL A 41 -16.59 -2.45 25.52
C VAL A 41 -15.11 -2.81 25.55
N ASN A 42 -14.37 -2.10 26.40
CA ASN A 42 -12.97 -2.43 26.60
C ASN A 42 -12.82 -3.45 27.73
N ASP A 43 -11.55 -3.75 28.04
CA ASP A 43 -11.21 -4.75 29.05
C ASP A 43 -11.80 -4.43 30.42
N ASN A 44 -11.95 -3.14 30.75
CA ASN A 44 -12.52 -2.73 32.03
C ASN A 44 -14.02 -2.57 31.99
N GLY A 45 -14.67 -2.90 30.87
CA GLY A 45 -16.10 -2.70 30.71
C GLY A 45 -16.50 -1.31 30.26
N ARG A 46 -15.54 -0.42 29.99
CA ARG A 46 -15.87 0.91 29.51
C ARG A 46 -16.45 0.83 28.10
N PRO A 47 -17.69 1.28 27.88
CA PRO A 47 -18.25 1.22 26.52
C PRO A 47 -17.50 2.12 25.54
N VAL A 48 -17.66 1.78 24.26
CA VAL A 48 -17.09 2.53 23.15
C VAL A 48 -18.22 3.19 22.38
N ALA A 49 -18.10 4.49 22.14
CA ALA A 49 -19.12 5.23 21.43
C ALA A 49 -19.22 4.76 19.98
N GLY A 50 -20.46 4.65 19.49
CA GLY A 50 -20.68 4.24 18.12
C GLY A 50 -21.93 4.90 17.57
N ARG A 51 -22.15 4.69 16.26
CA ARG A 51 -23.30 5.23 15.57
C ARG A 51 -23.85 4.19 14.60
N LEU A 52 -25.17 4.05 14.59
CA LEU A 52 -25.87 3.13 13.69
C LEU A 52 -26.52 3.92 12.56
N SER A 53 -26.33 3.45 11.33
CA SER A 53 -26.89 4.12 10.17
C SER A 53 -28.41 4.10 10.23
N PRO A 54 -29.07 5.12 9.67
CA PRO A 54 -30.55 5.14 9.72
C PRO A 54 -31.19 3.89 9.18
N ASP A 55 -30.57 3.19 8.23
CA ASP A 55 -31.19 2.01 7.65
C ASP A 55 -30.92 0.74 8.47
N GLY A 56 -30.23 0.86 9.59
CA GLY A 56 -30.00 -0.29 10.45
C GLY A 56 -29.02 -1.30 9.94
N LEU A 57 -28.33 -1.01 8.84
CA LEU A 57 -27.45 -2.01 8.25
C LEU A 57 -26.00 -1.87 8.70
N ARG A 58 -25.57 -0.71 9.18
CA ARG A 58 -24.16 -0.43 9.38
C ARG A 58 -23.93 0.32 10.68
N TRP A 59 -23.03 -0.20 11.52
CA TRP A 59 -22.66 0.44 12.77
C TRP A 59 -21.16 0.66 12.79
N SER A 60 -20.73 1.82 13.25
CA SER A 60 -19.30 2.10 13.31
C SER A 60 -18.98 2.83 14.59
N THR A 61 -17.77 2.57 15.09
CA THR A 61 -17.25 3.34 16.21
C THR A 61 -17.05 4.78 15.79
N THR A 62 -17.25 5.69 16.73
CA THR A 62 -17.14 7.13 16.47
C THR A 62 -16.08 7.82 17.29
N GLU A 63 -15.31 7.09 18.09
CA GLU A 63 -14.17 7.66 18.79
C GLU A 63 -12.98 6.74 18.57
N GLN A 64 -11.77 7.27 18.72
CA GLN A 64 -10.62 6.46 18.39
C GLN A 64 -10.36 5.43 19.48
N LEU A 65 -9.97 4.23 19.06
CA LEU A 65 -9.66 3.16 19.97
C LEU A 65 -8.24 3.30 20.49
N GLY A 66 -8.00 2.74 21.67
CA GLY A 66 -6.71 2.86 22.33
C GLY A 66 -5.74 1.72 22.04
N TYR A 67 -4.47 2.02 22.25
CA TYR A 67 -3.40 1.03 22.21
C TYR A 67 -3.50 0.06 23.39
N ASN A 68 -2.90 -1.12 23.21
CA ASN A 68 -2.81 -2.15 24.26
C ASN A 68 -4.13 -2.30 25.00
N ARG A 69 -5.20 -2.49 24.25
CA ARG A 69 -6.52 -2.73 24.81
C ARG A 69 -7.08 -4.02 24.26
N ARG A 70 -8.04 -4.58 25.01
CA ARG A 70 -8.84 -5.73 24.57
C ARG A 70 -10.29 -5.30 24.51
N TYR A 71 -10.86 -5.34 23.32
CA TYR A 71 -12.23 -4.92 23.09
C TYR A 71 -13.11 -6.12 22.80
N THR A 72 -14.34 -6.08 23.30
CA THR A 72 -15.32 -7.12 23.05
C THR A 72 -16.54 -6.52 22.39
N LEU A 73 -16.86 -7.03 21.21
CA LEU A 73 -17.96 -6.57 20.38
C LEU A 73 -19.08 -7.61 20.43
N ASN A 74 -20.29 -7.17 20.76
CA ASN A 74 -21.47 -8.02 20.70
C ASN A 74 -22.44 -7.43 19.69
N ALA A 75 -22.91 -8.24 18.76
CA ALA A 75 -23.85 -7.78 17.76
C ALA A 75 -24.94 -8.83 17.56
N THR A 76 -26.17 -8.35 17.38
CA THR A 76 -27.32 -9.18 17.05
C THR A 76 -27.99 -8.59 15.82
N ALA A 77 -28.27 -9.45 14.84
CA ALA A 77 -29.03 -9.07 13.66
C ALA A 77 -30.35 -9.80 13.65
N LEU A 78 -31.41 -9.07 13.30
CA LEU A 78 -32.75 -9.63 13.16
C LEU A 78 -33.24 -9.41 11.74
N GLY A 79 -34.00 -10.39 11.24
CA GLY A 79 -34.62 -10.29 9.94
C GLY A 79 -35.87 -11.14 9.92
N LEU A 80 -36.61 -11.07 8.82
CA LEU A 80 -37.77 -11.94 8.66
C LEU A 80 -37.36 -13.40 8.77
N GLY A 81 -36.17 -13.74 8.30
CA GLY A 81 -35.74 -15.13 8.27
C GLY A 81 -35.12 -15.66 9.54
N GLY A 82 -34.88 -14.82 10.53
CA GLY A 82 -34.40 -15.32 11.81
C GLY A 82 -33.46 -14.31 12.46
N ALA A 83 -32.60 -14.83 13.34
CA ALA A 83 -31.69 -14.00 14.12
C ALA A 83 -30.30 -14.57 14.07
N ALA A 84 -29.31 -13.70 14.30
CA ALA A 84 -27.92 -14.12 14.42
C ALA A 84 -27.22 -13.20 15.41
N THR A 85 -26.44 -13.80 16.32
CA THR A 85 -25.69 -13.07 17.33
C THR A 85 -24.24 -13.53 17.30
N ARG A 86 -23.32 -12.59 17.43
CA ARG A 86 -21.90 -12.88 17.44
C ARG A 86 -21.24 -12.08 18.54
N GLN A 87 -20.22 -12.67 19.14
CA GLN A 87 -19.36 -12.01 20.11
C GLN A 87 -17.92 -12.13 19.62
N LEU A 88 -17.24 -11.00 19.52
CA LEU A 88 -15.88 -10.94 19.01
C LEU A 88 -15.01 -10.19 20.01
N THR A 89 -13.83 -10.72 20.27
CA THR A 89 -12.85 -10.07 21.12
C THR A 89 -11.55 -9.98 20.36
N PHE A 90 -10.93 -8.80 20.39
CA PHE A 90 -9.68 -8.57 19.68
C PHE A 90 -8.78 -7.66 20.51
N GLN A 91 -7.49 -7.67 20.16
CA GLN A 91 -6.44 -6.95 20.86
C GLN A 91 -5.80 -5.94 19.91
N THR A 92 -5.62 -4.70 20.37
CA THR A 92 -5.03 -3.66 19.54
C THR A 92 -3.52 -3.59 19.70
N SER A 93 -2.89 -2.82 18.80
CA SER A 93 -1.44 -2.69 18.79
C SER A 93 -0.90 -2.33 20.17
N SER A 94 0.29 -2.86 20.47
CA SER A 94 0.98 -2.60 21.74
C SER A 94 2.31 -1.92 21.42
N PRO A 95 2.33 -0.60 21.27
CA PRO A 95 3.56 0.07 20.82
C PRO A 95 4.69 -0.05 21.84
N ALA A 96 5.91 -0.15 21.31
CA ALA A 96 7.08 -0.01 22.16
C ALA A 96 7.29 1.44 22.57
N HIS A 97 6.97 2.37 21.67
N HIS A 97 7.03 2.37 21.64
CA HIS A 97 7.14 3.80 21.95
CA HIS A 97 7.19 3.80 21.88
C HIS A 97 6.18 4.57 21.06
C HIS A 97 6.11 4.54 21.11
N LEU A 98 5.90 5.81 21.46
CA LEU A 98 5.09 6.70 20.66
C LEU A 98 5.95 7.86 20.17
N THR A 99 5.50 8.46 19.07
CA THR A 99 6.11 9.71 18.61
C THR A 99 5.03 10.69 18.19
N MET A 100 5.24 11.96 18.51
CA MET A 100 4.27 13.00 18.20
C MET A 100 4.75 13.85 17.03
N PRO A 101 3.93 14.08 16.02
CA PRO A 101 4.32 14.93 14.89
C PRO A 101 3.99 16.40 15.15
N TYR A 102 4.80 17.27 14.55
CA TYR A 102 4.63 18.72 14.65
C TYR A 102 4.73 19.29 13.24
N VAL A 103 3.71 20.04 12.82
CA VAL A 103 3.63 20.53 11.44
C VAL A 103 3.86 22.04 11.42
N MET A 104 4.57 22.49 10.39
CA MET A 104 4.74 23.88 10.05
C MET A 104 4.50 24.03 8.54
N PRO A 105 3.99 25.20 8.11
CA PRO A 105 3.61 26.36 8.89
C PRO A 105 2.32 26.17 9.66
N GLY A 106 1.99 27.18 10.46
CA GLY A 106 0.85 27.09 11.33
C GLY A 106 -0.48 27.12 10.59
N ASP A 107 -1.49 26.57 11.25
CA ASP A 107 -2.82 26.49 10.66
C ASP A 107 -3.38 27.88 10.40
N GLY A 108 -3.84 28.11 9.19
CA GLY A 108 -4.39 29.40 8.82
C GLY A 108 -3.39 30.44 8.39
N GLU A 109 -2.11 30.12 8.35
CA GLU A 109 -1.09 31.11 7.99
C GLU A 109 -1.13 31.41 6.50
N VAL A 110 -0.72 32.64 6.15
CA VAL A 110 -0.39 33.00 4.77
C VAL A 110 1.13 33.13 4.68
N VAL A 111 1.73 32.41 3.76
CA VAL A 111 3.17 32.25 3.70
C VAL A 111 3.64 32.57 2.29
N GLY A 112 4.96 32.74 2.15
CA GLY A 112 5.56 33.01 0.86
C GLY A 112 5.73 31.79 -0.03
N VAL A 113 6.16 32.07 -1.25
CA VAL A 113 6.20 31.09 -2.32
C VAL A 113 7.30 30.05 -2.15
N GLY A 114 8.16 30.21 -1.15
CA GLY A 114 9.19 29.22 -0.89
C GLY A 114 8.90 28.29 0.27
N GLU A 115 7.75 28.41 0.91
CA GLU A 115 7.51 27.67 2.15
C GLU A 115 7.26 26.19 1.87
N PRO A 116 8.12 25.29 2.30
CA PRO A 116 7.78 23.87 2.25
C PRO A 116 6.80 23.50 3.35
N VAL A 117 6.09 22.39 3.12
CA VAL A 117 5.41 21.70 4.22
C VAL A 117 6.46 20.98 5.06
N ALA A 118 6.37 21.12 6.38
CA ALA A 118 7.29 20.46 7.30
C ALA A 118 6.54 19.62 8.30
N ILE A 119 6.94 18.35 8.41
CA ILE A 119 6.45 17.47 9.45
C ILE A 119 7.64 16.97 10.25
N ARG A 120 7.71 17.36 11.52
CA ARG A 120 8.79 17.01 12.43
C ARG A 120 8.26 16.10 13.53
N PHE A 121 8.84 14.91 13.66
CA PHE A 121 8.55 13.97 14.73
C PHE A 121 9.52 14.15 15.88
N ASP A 122 9.08 13.81 17.10
CA ASP A 122 9.93 13.94 18.28
C ASP A 122 10.73 12.68 18.58
N GLU A 123 10.80 11.75 17.64
CA GLU A 123 11.64 10.56 17.76
C GLU A 123 12.18 10.23 16.37
N ASN A 124 13.26 9.46 16.31
CA ASN A 124 13.76 9.01 15.03
C ASN A 124 12.75 8.03 14.40
N ILE A 125 12.59 8.15 13.08
CA ILE A 125 11.59 7.38 12.33
C ILE A 125 12.31 6.27 11.58
N ALA A 126 12.07 5.02 11.99
CA ALA A 126 12.75 3.89 11.36
C ALA A 126 12.17 3.55 9.99
N ASP A 127 10.88 3.82 9.77
CA ASP A 127 10.20 3.46 8.53
C ASP A 127 9.69 4.74 7.88
N ARG A 128 10.59 5.45 7.21
CA ARG A 128 10.22 6.71 6.58
C ARG A 128 9.08 6.51 5.58
N GLY A 129 9.10 5.39 4.85
CA GLY A 129 8.05 5.12 3.89
C GLY A 129 6.67 5.09 4.52
N ALA A 130 6.55 4.49 5.70
CA ALA A 130 5.26 4.45 6.38
C ALA A 130 4.81 5.85 6.78
N ALA A 131 5.73 6.67 7.30
CA ALA A 131 5.39 8.04 7.61
C ALA A 131 4.90 8.79 6.37
N GLU A 132 5.63 8.68 5.25
CA GLU A 132 5.23 9.39 4.03
C GLU A 132 3.84 8.96 3.59
N LYS A 133 3.58 7.65 3.60
CA LYS A 133 2.28 7.15 3.18
C LYS A 133 1.16 7.67 4.07
N ALA A 134 1.47 7.97 5.33
CA ALA A 134 0.46 8.44 6.29
C ALA A 134 0.17 9.93 6.20
N ILE A 135 0.87 10.68 5.34
CA ILE A 135 0.73 12.14 5.25
C ILE A 135 0.05 12.48 3.91
N LYS A 136 -1.12 13.10 3.97
CA LYS A 136 -1.87 13.43 2.76
C LYS A 136 -1.81 14.93 2.54
N ILE A 137 -1.30 15.33 1.39
N ILE A 137 -1.31 15.35 1.39
CA ILE A 137 -1.14 16.74 1.02
CA ILE A 137 -1.16 16.77 1.08
C ILE A 137 -2.09 17.05 -0.12
C ILE A 137 -2.04 17.11 -0.11
N THR A 138 -2.98 18.01 0.11
CA THR A 138 -3.90 18.47 -0.92
C THR A 138 -3.45 19.87 -1.33
N THR A 139 -3.43 20.12 -2.64
CA THR A 139 -3.08 21.42 -3.18
C THR A 139 -4.15 21.88 -4.17
N ASN A 140 -4.41 23.20 -4.17
CA ASN A 140 -5.39 23.78 -5.07
C ASN A 140 -4.92 25.17 -5.48
N PRO A 141 -4.55 25.39 -6.75
CA PRO A 141 -4.53 24.41 -7.84
C PRO A 141 -3.56 23.25 -7.57
N PRO A 142 -3.90 22.04 -8.02
CA PRO A 142 -3.02 20.90 -7.76
C PRO A 142 -1.69 21.03 -8.47
N VAL A 143 -0.62 20.70 -7.75
CA VAL A 143 0.73 20.70 -8.28
C VAL A 143 1.46 19.48 -7.75
N GLU A 144 2.35 18.94 -8.58
CA GLU A 144 3.21 17.85 -8.16
C GLU A 144 4.17 18.33 -7.08
N GLY A 145 4.37 17.50 -6.07
CA GLY A 145 5.39 17.72 -5.06
C GLY A 145 5.94 16.39 -4.58
N ALA A 146 6.87 16.46 -3.64
CA ALA A 146 7.54 15.25 -3.20
C ALA A 146 8.11 15.45 -1.80
N PHE A 147 8.31 14.32 -1.11
CA PHE A 147 8.87 14.28 0.23
C PHE A 147 10.39 14.13 0.21
N TYR A 148 11.06 14.83 1.13
CA TYR A 148 12.50 14.62 1.31
C TYR A 148 12.85 14.84 2.79
N TRP A 149 13.64 13.93 3.37
CA TRP A 149 13.99 13.98 4.79
C TRP A 149 15.26 14.82 5.01
N LEU A 150 15.16 15.81 5.90
CA LEU A 150 16.32 16.63 6.27
C LEU A 150 17.19 15.98 7.32
N ASN A 151 16.63 15.07 8.10
CA ASN A 151 17.35 14.32 9.13
C ASN A 151 16.43 13.17 9.53
N ASN A 152 16.78 12.44 10.60
CA ASN A 152 16.01 11.26 10.97
C ASN A 152 14.63 11.57 11.53
N ARG A 153 14.30 12.83 11.74
CA ARG A 153 13.04 13.19 12.38
C ARG A 153 12.16 14.13 11.58
N GLU A 154 12.68 14.86 10.61
CA GLU A 154 11.89 15.87 9.92
C GLU A 154 11.84 15.59 8.43
N VAL A 155 10.63 15.61 7.89
CA VAL A 155 10.42 15.41 6.47
C VAL A 155 9.78 16.68 5.92
N ARG A 156 10.12 16.98 4.67
CA ARG A 156 9.63 18.17 3.98
C ARG A 156 8.94 17.78 2.69
N TRP A 157 7.95 18.56 2.28
CA TRP A 157 7.25 18.37 1.01
C TRP A 157 7.17 19.70 0.28
N ARG A 158 7.50 19.69 -1.02
CA ARG A 158 7.43 20.92 -1.79
C ARG A 158 7.31 20.57 -3.26
N PRO A 159 6.91 21.53 -4.10
CA PRO A 159 6.92 21.35 -5.54
C PRO A 159 8.29 21.61 -6.17
N GLU A 160 8.34 21.39 -7.49
CA GLU A 160 9.55 21.59 -8.29
C GLU A 160 9.94 23.07 -8.30
N HIS A 161 8.98 23.95 -8.51
CA HIS A 161 9.21 25.39 -8.58
C HIS A 161 8.53 26.05 -7.38
N PHE A 162 8.88 27.31 -7.14
CA PHE A 162 8.19 28.04 -6.09
C PHE A 162 6.68 27.94 -6.30
N TRP A 163 5.95 28.00 -5.19
CA TRP A 163 4.49 27.97 -5.23
C TRP A 163 3.92 29.12 -6.04
N LYS A 164 2.78 28.85 -6.68
CA LYS A 164 2.02 29.94 -7.28
C LYS A 164 1.19 30.66 -6.21
N PRO A 165 1.26 31.99 -6.14
CA PRO A 165 0.39 32.71 -5.19
C PRO A 165 -1.08 32.30 -5.33
N GLY A 166 -1.76 32.21 -4.19
CA GLY A 166 -3.16 31.87 -4.16
C GLY A 166 -3.43 30.37 -4.03
N THR A 167 -2.39 29.56 -3.90
CA THR A 167 -2.55 28.12 -3.74
C THR A 167 -2.98 27.78 -2.31
N ALA A 168 -3.99 26.93 -2.17
CA ALA A 168 -4.35 26.40 -0.88
C ALA A 168 -3.61 25.09 -0.66
N VAL A 169 -3.11 24.88 0.56
CA VAL A 169 -2.34 23.69 0.90
C VAL A 169 -2.92 23.09 2.18
N ASP A 170 -3.31 21.82 2.13
CA ASP A 170 -3.91 21.13 3.26
C ASP A 170 -3.04 19.93 3.62
N VAL A 171 -2.75 19.77 4.91
CA VAL A 171 -1.80 18.78 5.38
C VAL A 171 -2.50 17.94 6.44
N ALA A 172 -2.70 16.67 6.14
CA ALA A 172 -3.33 15.74 7.07
C ALA A 172 -2.28 14.70 7.43
N VAL A 173 -1.82 14.72 8.68
CA VAL A 173 -0.81 13.78 9.14
C VAL A 173 -1.56 12.72 9.95
N ASN A 174 -1.82 11.59 9.30
CA ASN A 174 -2.69 10.54 9.86
C ASN A 174 -1.84 9.40 10.42
N THR A 175 -1.07 9.73 11.45
CA THR A 175 -0.10 8.79 12.01
C THR A 175 -0.62 8.03 13.23
N TYR A 176 -1.77 8.39 13.77
CA TYR A 176 -2.29 7.64 14.90
C TYR A 176 -2.63 6.23 14.44
N GLY A 177 -2.15 5.25 15.19
CA GLY A 177 -2.36 3.85 14.86
C GLY A 177 -1.42 3.29 13.83
N VAL A 178 -0.57 4.12 13.23
CA VAL A 178 0.36 3.68 12.20
C VAL A 178 1.68 3.26 12.83
N ASP A 179 2.13 2.05 12.49
CA ASP A 179 3.47 1.59 12.85
C ASP A 179 4.51 2.31 12.02
N LEU A 180 5.30 3.18 12.66
CA LEU A 180 6.32 3.95 11.96
C LEU A 180 7.69 3.28 12.04
N GLY A 181 7.73 2.01 12.40
CA GLY A 181 8.95 1.22 12.41
C GLY A 181 9.42 0.91 13.82
N GLU A 182 9.87 -0.33 14.02
CA GLU A 182 10.53 -0.74 15.26
C GLU A 182 9.63 -0.54 16.47
N GLY A 183 8.34 -0.79 16.29
CA GLY A 183 7.39 -0.67 17.38
C GLY A 183 7.04 0.75 17.73
N MET A 184 7.44 1.72 16.92
N MET A 184 7.42 1.72 16.91
CA MET A 184 7.12 3.13 17.14
CA MET A 184 7.11 3.11 17.17
C MET A 184 5.83 3.46 16.41
C MET A 184 5.83 3.46 16.42
N PHE A 185 4.83 3.91 17.16
CA PHE A 185 3.53 4.26 16.62
C PHE A 185 3.26 5.75 16.83
N GLY A 186 2.39 6.30 15.97
CA GLY A 186 2.03 7.71 16.08
C GLY A 186 1.25 7.97 17.35
N GLU A 187 1.61 9.04 18.04
CA GLU A 187 0.93 9.44 19.27
C GLU A 187 -0.41 10.09 19.01
N ASP A 188 -0.61 10.65 17.82
CA ASP A 188 -1.86 11.36 17.51
C ASP A 188 -1.80 11.76 16.03
N ASN A 189 -2.94 12.25 15.55
CA ASN A 189 -3.02 12.86 14.23
C ASN A 189 -2.82 14.37 14.34
N VAL A 190 -2.45 15.00 13.23
CA VAL A 190 -2.46 16.46 13.18
C VAL A 190 -2.98 16.91 11.81
N GLN A 191 -3.62 18.09 11.80
CA GLN A 191 -4.30 18.61 10.61
C GLN A 191 -4.09 20.12 10.54
N THR A 192 -3.48 20.61 9.47
CA THR A 192 -3.23 22.04 9.32
C THR A 192 -3.46 22.45 7.88
N HIS A 193 -3.73 23.73 7.68
CA HIS A 193 -4.05 24.24 6.35
C HIS A 193 -3.43 25.62 6.23
N PHE A 194 -2.84 25.93 5.07
CA PHE A 194 -2.24 27.25 4.88
C PHE A 194 -2.41 27.68 3.43
N THR A 195 -2.04 28.94 3.16
CA THR A 195 -2.23 29.54 1.86
C THR A 195 -0.99 30.32 1.44
N ILE A 196 -0.70 30.29 0.13
CA ILE A 196 0.44 31.00 -0.44
C ILE A 196 -0.01 32.42 -0.79
N GLY A 197 0.72 33.41 -0.29
CA GLY A 197 0.48 34.81 -0.58
C GLY A 197 1.35 35.35 -1.71
N ASP A 198 1.66 36.65 -1.63
CA ASP A 198 2.38 37.33 -2.69
C ASP A 198 3.77 36.76 -2.88
N GLU A 199 4.25 36.83 -4.13
CA GLU A 199 5.62 36.48 -4.48
C GLU A 199 6.56 37.59 -4.06
N VAL A 200 7.46 37.28 -3.13
CA VAL A 200 8.44 38.21 -2.59
C VAL A 200 9.78 37.51 -2.63
N ILE A 201 10.69 38.01 -3.46
CA ILE A 201 12.01 37.42 -3.68
C ILE A 201 13.01 38.55 -3.55
N ALA A 202 13.94 38.43 -2.63
CA ALA A 202 14.98 39.42 -2.45
C ALA A 202 16.32 38.82 -2.85
N THR A 203 17.09 39.54 -3.63
CA THR A 203 18.36 39.06 -4.13
C THR A 203 19.48 39.92 -3.57
N ALA A 204 20.45 39.28 -2.92
CA ALA A 204 21.68 39.94 -2.47
C ALA A 204 22.80 39.58 -3.45
N ASP A 205 23.27 40.57 -4.20
CA ASP A 205 24.30 40.37 -5.22
C ASP A 205 25.61 40.91 -4.68
N ASP A 206 26.59 40.03 -4.52
CA ASP A 206 27.86 40.44 -3.95
C ASP A 206 28.61 41.40 -4.84
N ASN A 207 28.26 41.45 -6.14
CA ASN A 207 28.95 42.35 -7.06
C ASN A 207 28.55 43.80 -6.83
N THR A 208 27.31 44.04 -6.35
CA THR A 208 26.87 45.39 -6.07
C THR A 208 26.75 45.68 -4.58
N LYS A 209 26.72 44.66 -3.74
CA LYS A 209 26.51 44.83 -2.31
C LYS A 209 25.14 45.47 -2.05
N ILE A 210 24.16 45.09 -2.87
CA ILE A 210 22.78 45.54 -2.75
C ILE A 210 21.86 44.33 -2.57
N LEU A 211 20.94 44.45 -1.63
CA LEU A 211 19.86 43.50 -1.42
C LEU A 211 18.60 44.11 -2.02
N THR A 212 18.14 43.57 -3.13
CA THR A 212 17.02 44.12 -3.87
C THR A 212 15.78 43.26 -3.61
N VAL A 213 14.68 43.90 -3.20
CA VAL A 213 13.45 43.21 -2.87
C VAL A 213 12.46 43.39 -4.02
N ARG A 214 12.01 42.28 -4.59
CA ARG A 214 11.01 42.30 -5.66
C ARG A 214 9.71 41.70 -5.16
N VAL A 215 8.62 42.44 -5.35
CA VAL A 215 7.28 42.00 -4.97
C VAL A 215 6.50 41.79 -6.25
N ASN A 216 6.06 40.55 -6.48
CA ASN A 216 5.35 40.20 -7.72
C ASN A 216 6.09 40.74 -8.94
N GLY A 217 7.42 40.67 -8.89
CA GLY A 217 8.26 40.96 -10.03
C GLY A 217 8.77 42.39 -10.10
N GLU A 218 8.28 43.27 -9.24
CA GLU A 218 8.62 44.69 -9.29
C GLU A 218 9.62 45.01 -8.19
N VAL A 219 10.68 45.72 -8.54
CA VAL A 219 11.61 46.21 -7.52
C VAL A 219 10.89 47.24 -6.64
N VAL A 220 10.87 47.00 -5.34
CA VAL A 220 10.25 47.94 -4.41
C VAL A 220 11.22 48.49 -3.38
N LYS A 221 12.38 47.88 -3.20
CA LYS A 221 13.33 48.35 -2.20
C LYS A 221 14.71 47.89 -2.62
N SER A 222 15.69 48.78 -2.47
CA SER A 222 17.07 48.46 -2.79
C SER A 222 17.91 48.85 -1.58
N MET A 223 18.46 47.84 -0.89
CA MET A 223 19.08 48.04 0.42
C MET A 223 20.58 47.85 0.34
N PRO A 224 21.40 48.86 0.62
CA PRO A 224 22.83 48.62 0.79
C PRO A 224 23.07 47.60 1.91
N THR A 225 23.97 46.66 1.65
CA THR A 225 24.23 45.59 2.61
C THR A 225 25.72 45.36 2.72
N SER A 226 26.12 44.78 3.85
CA SER A 226 27.47 44.26 4.04
C SER A 226 27.33 42.81 4.46
N MET A 227 27.90 41.91 3.68
CA MET A 227 27.78 40.48 3.94
C MET A 227 29.09 39.96 4.52
N GLY A 228 29.26 38.64 4.53
CA GLY A 228 30.44 38.06 5.15
C GLY A 228 31.75 38.49 4.51
N LYS A 229 32.70 38.91 5.34
CA LYS A 229 34.07 39.13 4.88
C LYS A 229 34.64 37.83 4.33
N ASP A 230 35.75 37.97 3.59
CA ASP A 230 36.29 36.83 2.84
C ASP A 230 36.53 35.63 3.75
N SER A 231 37.00 35.87 4.97
CA SER A 231 37.33 34.75 5.86
C SER A 231 36.09 34.09 6.46
N THR A 232 34.95 34.77 6.50
CA THR A 232 33.70 34.22 7.03
C THR A 232 32.57 34.59 6.08
N PRO A 233 32.60 34.07 4.87
CA PRO A 233 31.69 34.56 3.82
C PRO A 233 30.26 34.07 3.99
N THR A 234 29.36 34.76 3.29
CA THR A 234 27.96 34.39 3.21
C THR A 234 27.80 33.37 2.08
N ALA A 235 27.13 32.27 2.36
CA ALA A 235 26.99 31.25 1.33
C ALA A 235 26.02 31.71 0.24
N ASN A 236 26.35 31.38 -1.01
CA ASN A 236 25.40 31.59 -2.09
C ASN A 236 24.24 30.61 -1.95
N GLY A 237 23.11 30.94 -2.55
CA GLY A 237 22.04 29.99 -2.72
C GLY A 237 20.71 30.58 -2.36
N ILE A 238 19.70 29.71 -2.28
CA ILE A 238 18.33 30.13 -2.02
C ILE A 238 18.06 29.90 -0.54
N TYR A 239 17.62 30.95 0.15
CA TYR A 239 17.26 30.90 1.57
C TYR A 239 15.77 31.14 1.72
N ILE A 240 15.13 30.40 2.61
CA ILE A 240 13.72 30.61 2.96
C ILE A 240 13.65 31.49 4.20
N VAL A 241 12.80 32.51 4.16
CA VAL A 241 12.59 33.33 5.36
C VAL A 241 11.91 32.48 6.42
N GLY A 242 12.47 32.49 7.63
CA GLY A 242 11.84 31.82 8.75
C GLY A 242 11.17 32.78 9.69
N SER A 243 11.68 32.86 10.91
N SER A 243 11.69 32.85 10.91
CA SER A 243 11.06 33.68 11.93
CA SER A 243 11.11 33.68 11.95
C SER A 243 11.57 35.11 11.88
C SER A 243 11.56 35.12 11.82
N ARG A 244 10.77 36.01 12.43
CA ARG A 244 11.04 37.45 12.43
C ARG A 244 10.99 37.97 13.86
N TYR A 245 11.93 38.84 14.20
CA TYR A 245 12.10 39.34 15.57
C TYR A 245 12.24 40.85 15.59
N LYS A 246 11.41 41.53 16.40
CA LYS A 246 11.63 42.97 16.62
C LYS A 246 13.00 43.21 17.24
N HIS A 247 13.44 42.30 18.10
CA HIS A 247 14.84 42.24 18.53
C HIS A 247 15.09 40.82 19.01
N ILE A 248 16.35 40.41 18.94
CA ILE A 248 16.72 39.06 19.39
C ILE A 248 18.13 39.10 19.95
N ILE A 249 18.31 38.40 21.07
CA ILE A 249 19.64 38.18 21.61
C ILE A 249 20.29 37.07 20.80
N MET A 250 21.20 37.46 19.91
N MET A 250 21.32 37.45 20.05
CA MET A 250 21.92 36.51 19.07
CA MET A 250 22.02 36.59 19.10
C MET A 250 23.02 35.85 19.87
C MET A 250 23.11 35.81 19.82
N ASP A 251 22.82 34.58 20.20
CA ASP A 251 23.73 33.78 21.01
C ASP A 251 24.30 32.67 20.14
N SER A 252 25.61 32.68 19.95
CA SER A 252 26.24 31.78 18.99
C SER A 252 26.09 30.32 19.40
N SER A 253 25.93 30.06 20.69
CA SER A 253 25.82 28.69 21.14
C SER A 253 24.52 28.03 20.68
N THR A 254 23.51 28.81 20.30
CA THR A 254 22.30 28.23 19.76
C THR A 254 22.57 27.59 18.40
N TYR A 255 23.51 28.15 17.65
CA TYR A 255 23.92 27.63 16.35
C TYR A 255 25.19 26.79 16.45
N GLY A 256 25.57 26.39 17.67
CA GLY A 256 26.60 25.38 17.87
C GLY A 256 27.95 25.88 18.34
N VAL A 257 28.15 27.19 18.43
CA VAL A 257 29.46 27.78 18.67
C VAL A 257 29.46 28.39 20.06
N PRO A 258 30.33 27.96 20.97
CA PRO A 258 30.36 28.57 22.31
C PRO A 258 30.63 30.07 22.24
N VAL A 259 29.90 30.81 23.08
CA VAL A 259 30.06 32.26 23.11
C VAL A 259 31.49 32.64 23.44
N ASN A 260 32.12 31.88 24.34
CA ASN A 260 33.48 32.21 24.76
C ASN A 260 34.53 31.79 23.75
N SER A 261 34.14 31.15 22.66
N SER A 261 34.15 31.15 22.66
CA SER A 261 35.08 30.82 21.60
CA SER A 261 35.11 30.81 21.62
C SER A 261 35.43 32.06 20.78
C SER A 261 35.40 32.03 20.74
N PRO A 262 36.55 32.04 20.05
CA PRO A 262 36.90 33.21 19.22
C PRO A 262 35.81 33.62 18.24
N ASN A 263 35.14 32.65 17.62
CA ASN A 263 34.03 32.94 16.70
C ASN A 263 32.69 33.06 17.41
N GLY A 264 32.65 32.92 18.73
CA GLY A 264 31.41 33.06 19.45
C GLY A 264 31.00 34.52 19.61
N TYR A 265 29.73 34.70 19.95
CA TYR A 265 29.17 36.03 20.09
C TYR A 265 27.87 35.94 20.87
N ARG A 266 27.55 37.02 21.57
CA ARG A 266 26.25 37.16 22.23
C ARG A 266 25.93 38.66 22.20
N THR A 267 25.01 39.06 21.33
CA THR A 267 24.70 40.48 21.24
C THR A 267 23.25 40.67 20.83
N ASP A 268 22.65 41.75 21.31
CA ASP A 268 21.25 42.04 21.05
C ASP A 268 21.11 42.87 19.78
N VAL A 269 20.28 42.41 18.84
CA VAL A 269 20.18 43.01 17.51
C VAL A 269 18.71 43.33 17.23
N ASP A 270 18.49 44.42 16.52
CA ASP A 270 17.14 44.87 16.18
C ASP A 270 16.72 44.37 14.80
N TRP A 271 15.41 44.19 14.65
CA TRP A 271 14.77 43.98 13.35
C TRP A 271 15.46 42.85 12.56
N ALA A 272 15.36 41.65 13.12
CA ALA A 272 16.13 40.52 12.64
C ALA A 272 15.22 39.49 12.00
N THR A 273 15.49 39.15 10.75
CA THR A 273 14.74 38.16 10.00
C THR A 273 15.66 36.97 9.72
N GLN A 274 15.28 35.81 10.24
CA GLN A 274 16.05 34.57 10.11
C GLN A 274 15.90 34.00 8.70
N ILE A 275 17.02 33.63 8.07
CA ILE A 275 16.98 33.01 6.75
C ILE A 275 17.77 31.72 6.66
N SER A 276 18.44 31.29 7.74
CA SER A 276 19.01 29.93 7.78
C SER A 276 19.04 29.44 9.22
N TYR A 277 18.93 28.11 9.39
CA TYR A 277 19.12 27.53 10.70
C TYR A 277 20.55 27.66 11.19
N SER A 278 21.50 27.82 10.29
CA SER A 278 22.87 28.05 10.72
C SER A 278 23.07 29.44 11.33
N GLY A 279 22.06 30.29 11.33
CA GLY A 279 22.11 31.55 12.02
C GLY A 279 22.32 32.78 11.16
N VAL A 280 22.07 32.70 9.87
CA VAL A 280 22.14 33.88 9.01
C VAL A 280 20.83 34.63 9.12
N PHE A 281 20.93 35.97 9.26
CA PHE A 281 19.80 36.87 9.39
C PHE A 281 20.01 38.08 8.50
N VAL A 282 18.90 38.69 8.09
CA VAL A 282 18.87 40.10 7.70
C VAL A 282 18.52 40.90 8.95
N HIS A 283 19.34 41.90 9.30
CA HIS A 283 19.18 42.54 10.60
C HIS A 283 19.73 43.96 10.58
N SER A 284 19.36 44.71 11.61
CA SER A 284 19.87 46.07 11.78
C SER A 284 21.33 46.03 12.21
N ALA A 285 22.17 46.81 11.51
CA ALA A 285 23.62 46.82 11.76
C ALA A 285 24.15 48.25 11.73
N PRO A 286 23.86 49.04 12.76
CA PRO A 286 24.36 50.43 12.80
C PRO A 286 25.87 50.52 12.73
N TRP A 287 26.59 49.49 13.19
CA TRP A 287 28.05 49.52 13.24
C TRP A 287 28.70 49.39 11.88
N SER A 288 27.97 49.00 10.85
CA SER A 288 28.56 48.77 9.53
C SER A 288 27.91 49.62 8.44
N VAL A 289 27.15 50.66 8.79
CA VAL A 289 26.48 51.46 7.77
C VAL A 289 27.49 52.04 6.79
N GLY A 290 28.66 52.44 7.27
CA GLY A 290 29.68 52.98 6.38
C GLY A 290 30.16 52.00 5.32
N ALA A 291 30.11 50.70 5.61
CA ALA A 291 30.54 49.69 4.65
C ALA A 291 29.39 49.14 3.82
N GLN A 292 28.16 49.29 4.27
CA GLN A 292 27.04 48.73 3.53
C GLN A 292 26.99 49.35 2.13
N GLY A 293 26.85 48.51 1.11
CA GLY A 293 26.92 48.96 -0.27
C GLY A 293 28.32 49.13 -0.83
N HIS A 294 29.37 48.80 -0.06
CA HIS A 294 30.74 48.94 -0.52
C HIS A 294 31.58 47.68 -0.29
N THR A 295 31.73 47.26 0.96
CA THR A 295 32.60 46.13 1.27
C THR A 295 31.92 45.21 2.27
N ASN A 296 32.38 43.96 2.28
CA ASN A 296 31.87 42.94 3.19
C ASN A 296 32.70 42.93 4.47
N THR A 297 32.01 43.06 5.60
CA THR A 297 32.67 43.19 6.90
C THR A 297 32.08 42.28 7.96
N SER A 298 31.00 41.57 7.67
CA SER A 298 30.29 40.84 8.70
C SER A 298 30.82 39.41 8.81
N HIS A 299 30.23 38.64 9.72
N HIS A 299 30.23 38.66 9.75
CA HIS A 299 30.59 37.24 9.92
CA HIS A 299 30.53 37.25 9.98
C HIS A 299 29.66 36.30 9.17
C HIS A 299 29.76 36.31 9.07
N GLY A 300 28.83 36.83 8.27
CA GLY A 300 27.98 35.99 7.45
C GLY A 300 26.57 36.54 7.30
N CYS A 301 26.11 37.27 8.31
N CYS A 301 26.13 37.30 8.29
CA CYS A 301 24.78 37.83 8.20
CA CYS A 301 24.79 37.84 8.26
C CYS A 301 24.74 38.94 7.17
C CYS A 301 24.72 39.02 7.30
N LEU A 302 23.52 39.26 6.77
CA LEU A 302 23.29 40.37 5.87
C LEU A 302 23.01 41.63 6.72
N ASN A 303 24.06 42.43 6.95
CA ASN A 303 23.92 43.72 7.61
C ASN A 303 23.21 44.72 6.71
N VAL A 304 22.17 45.37 7.22
CA VAL A 304 21.56 46.51 6.55
C VAL A 304 21.32 47.62 7.57
N SER A 305 20.79 48.74 7.09
CA SER A 305 20.57 49.86 7.98
C SER A 305 19.41 49.55 8.91
N PRO A 306 19.32 50.24 10.05
CA PRO A 306 18.13 50.07 10.90
C PRO A 306 16.82 50.29 10.16
N SER A 307 16.72 51.35 9.35
CA SER A 307 15.46 51.61 8.66
C SER A 307 15.14 50.50 7.67
N ASN A 308 16.13 50.02 6.93
CA ASN A 308 15.85 48.95 5.97
C ASN A 308 15.56 47.64 6.67
N ALA A 309 16.19 47.39 7.82
CA ALA A 309 15.94 46.13 8.53
C ALA A 309 14.52 46.10 9.07
N GLN A 310 14.02 47.26 9.53
CA GLN A 310 12.63 47.38 9.94
C GLN A 310 11.68 47.26 8.75
N TRP A 311 12.03 47.87 7.62
CA TRP A 311 11.23 47.67 6.41
C TRP A 311 11.14 46.20 6.06
N PHE A 312 12.29 45.51 6.07
CA PHE A 312 12.32 44.10 5.73
C PHE A 312 11.42 43.30 6.67
N TYR A 313 11.56 43.54 7.98
CA TYR A 313 10.69 42.92 8.97
C TYR A 313 9.22 43.16 8.66
N ASP A 314 8.87 44.38 8.26
CA ASP A 314 7.46 44.72 8.03
C ASP A 314 6.91 44.18 6.72
N HIS A 315 7.75 43.89 5.73
CA HIS A 315 7.26 43.60 4.40
C HIS A 315 7.55 42.20 3.90
N VAL A 316 8.23 41.39 4.70
CA VAL A 316 8.57 40.03 4.34
C VAL A 316 7.91 39.11 5.35
N LYS A 317 7.54 37.91 4.90
CA LYS A 317 6.82 36.94 5.70
C LYS A 317 7.51 35.59 5.57
N ARG A 318 7.20 34.71 6.53
N ARG A 318 7.20 34.71 6.53
CA ARG A 318 7.69 33.35 6.48
CA ARG A 318 7.69 33.35 6.48
C ARG A 318 7.42 32.74 5.11
C ARG A 318 7.42 32.73 5.12
N GLY A 319 8.44 32.10 4.55
CA GLY A 319 8.33 31.48 3.26
C GLY A 319 8.72 32.35 2.08
N ASP A 320 8.88 33.66 2.28
CA ASP A 320 9.48 34.47 1.24
C ASP A 320 10.92 34.01 1.02
N ILE A 321 11.54 34.55 -0.02
CA ILE A 321 12.81 34.02 -0.51
C ILE A 321 13.88 35.10 -0.46
N VAL A 322 15.06 34.71 -0.01
CA VAL A 322 16.27 35.53 -0.20
C VAL A 322 17.25 34.70 -0.99
N GLU A 323 17.73 35.24 -2.10
CA GLU A 323 18.76 34.56 -2.89
C GLU A 323 20.06 35.35 -2.81
N VAL A 324 21.13 34.66 -2.48
CA VAL A 324 22.47 35.24 -2.44
C VAL A 324 23.26 34.75 -3.65
N VAL A 325 23.95 35.68 -4.35
CA VAL A 325 24.71 35.34 -5.54
C VAL A 325 26.04 36.08 -5.57
N ASN A 326 27.03 35.45 -6.21
CA ASN A 326 28.34 36.00 -6.53
C ASN A 326 29.23 36.24 -5.32
N THR A 327 28.95 35.62 -4.18
CA THR A 327 29.86 35.72 -3.05
C THR A 327 31.02 34.76 -3.22
N VAL A 328 32.05 34.92 -2.39
CA VAL A 328 33.17 33.98 -2.39
C VAL A 328 32.90 32.75 -1.56
N GLY A 329 31.71 32.61 -0.98
CA GLY A 329 31.39 31.43 -0.22
C GLY A 329 30.98 30.26 -1.09
N GLY A 330 30.61 29.18 -0.41
CA GLY A 330 30.09 28.00 -1.08
C GLY A 330 28.61 28.16 -1.32
N THR A 331 27.87 27.04 -1.27
CA THR A 331 26.43 27.06 -1.42
C THR A 331 25.79 26.60 -0.11
N LEU A 332 24.67 27.22 0.23
CA LEU A 332 23.99 26.86 1.46
C LEU A 332 23.59 25.39 1.39
N PRO A 333 23.84 24.61 2.44
CA PRO A 333 23.44 23.20 2.44
C PRO A 333 21.93 23.02 2.23
N GLY A 334 21.58 22.02 1.43
CA GLY A 334 20.17 21.75 1.19
C GLY A 334 19.43 21.30 2.42
N ILE A 335 20.12 20.69 3.38
CA ILE A 335 19.49 20.19 4.60
C ILE A 335 19.69 21.16 5.76
N ASP A 336 19.99 22.43 5.48
CA ASP A 336 20.19 23.40 6.55
C ASP A 336 18.99 23.49 7.47
N GLY A 337 17.78 23.33 6.91
CA GLY A 337 16.53 23.68 7.57
C GLY A 337 15.74 24.75 6.85
N LEU A 338 16.44 25.70 6.20
CA LEU A 338 15.81 26.69 5.35
C LEU A 338 16.44 26.70 3.96
N GLY A 339 17.22 25.67 3.63
CA GLY A 339 17.93 25.58 2.38
C GLY A 339 17.36 24.60 1.37
N ASP A 340 16.09 24.23 1.55
CA ASP A 340 15.48 23.13 0.80
C ASP A 340 15.63 23.30 -0.71
N TRP A 341 15.50 24.53 -1.19
CA TRP A 341 15.48 24.77 -2.63
C TRP A 341 16.84 24.60 -3.28
N ASN A 342 17.92 24.42 -2.50
CA ASN A 342 19.22 24.18 -3.09
C ASN A 342 19.44 22.71 -3.46
N ILE A 343 18.50 21.84 -3.14
CA ILE A 343 18.54 20.44 -3.57
C ILE A 343 17.95 20.39 -4.97
N PRO A 344 18.65 19.85 -5.96
CA PRO A 344 18.07 19.79 -7.30
C PRO A 344 16.80 18.95 -7.30
N TRP A 345 15.85 19.34 -8.14
CA TRP A 345 14.53 18.70 -8.10
C TRP A 345 14.61 17.20 -8.32
N ASP A 346 15.43 16.74 -9.27
CA ASP A 346 15.52 15.30 -9.52
C ASP A 346 15.92 14.56 -8.25
N GLN A 347 16.85 15.12 -7.49
CA GLN A 347 17.26 14.49 -6.23
C GLN A 347 16.16 14.59 -5.20
N TRP A 348 15.50 15.75 -5.09
CA TRP A 348 14.42 15.90 -4.13
C TRP A 348 13.30 14.93 -4.44
N ARG A 349 12.89 14.88 -5.72
CA ARG A 349 11.80 14.03 -6.16
C ARG A 349 12.08 12.57 -5.87
N ALA A 350 13.31 12.12 -6.11
CA ALA A 350 13.64 10.72 -5.86
C ALA A 350 13.51 10.39 -4.39
N GLY A 351 13.68 11.39 -3.53
CA GLY A 351 13.54 11.21 -2.10
C GLY A 351 14.68 10.43 -1.45
N ASN A 352 14.50 10.17 -0.15
CA ASN A 352 15.50 9.42 0.61
C ASN A 352 14.80 8.59 1.69
N ALA A 353 13.62 8.06 1.37
CA ALA A 353 12.90 7.19 2.31
C ALA A 353 13.70 5.94 2.63
N LYS A 354 14.58 5.51 1.73
CA LYS A 354 15.39 4.30 1.88
C LYS A 354 14.48 3.08 1.86
N LEU B 4 -2.41 -67.12 23.44
CA LEU B 4 -2.13 -67.34 22.02
C LEU B 4 -3.17 -66.62 21.14
N LEU B 5 -2.98 -65.32 20.93
CA LEU B 5 -3.96 -64.51 20.21
C LEU B 5 -3.98 -64.86 18.72
N VAL B 6 -5.18 -64.80 18.15
CA VAL B 6 -5.38 -65.01 16.71
C VAL B 6 -5.27 -63.65 16.02
N PRO B 7 -4.57 -63.55 14.89
CA PRO B 7 -4.40 -62.23 14.25
C PRO B 7 -5.73 -61.60 13.84
N LYS B 8 -5.74 -60.27 13.79
CA LYS B 8 -6.91 -59.50 13.45
C LYS B 8 -6.61 -58.64 12.23
N LEU B 9 -7.57 -58.53 11.31
CA LEU B 9 -7.42 -57.74 10.09
C LEU B 9 -8.47 -56.63 10.08
N THR B 10 -8.01 -55.39 9.97
CA THR B 10 -8.92 -54.27 9.78
C THR B 10 -8.46 -53.46 8.59
N ALA B 11 -9.36 -52.62 8.09
CA ALA B 11 -9.07 -51.84 6.90
C ALA B 11 -9.60 -50.43 7.10
N SER B 12 -9.15 -49.53 6.24
CA SER B 12 -9.65 -48.15 6.21
C SER B 12 -10.99 -48.03 5.51
N VAL B 13 -11.50 -49.15 5.00
CA VAL B 13 -12.82 -49.28 4.42
C VAL B 13 -13.44 -50.47 5.12
N THR B 14 -14.75 -50.59 4.99
CA THR B 14 -15.43 -51.73 5.56
C THR B 14 -16.18 -52.48 4.47
N ASP B 15 -16.42 -53.77 4.72
CA ASP B 15 -17.13 -54.60 3.76
C ASP B 15 -18.52 -54.07 3.53
N GLY B 16 -18.89 -53.95 2.26
CA GLY B 16 -20.19 -53.50 1.88
C GLY B 16 -20.30 -52.00 1.73
N ALA B 17 -19.21 -51.26 1.97
CA ALA B 17 -19.28 -49.81 1.89
C ALA B 17 -19.63 -49.36 0.49
N VAL B 18 -20.40 -48.28 0.41
CA VAL B 18 -20.77 -47.64 -0.85
C VAL B 18 -20.38 -46.17 -0.77
N GLY B 19 -20.17 -45.56 -1.93
CA GLY B 19 -19.84 -44.15 -1.97
C GLY B 19 -18.47 -43.82 -1.41
N VAL B 20 -17.52 -44.76 -1.48
CA VAL B 20 -16.20 -44.57 -0.88
C VAL B 20 -15.42 -43.54 -1.70
N THR B 21 -14.95 -42.49 -1.04
CA THR B 21 -14.26 -41.44 -1.78
C THR B 21 -12.84 -41.87 -2.10
N VAL B 22 -12.36 -41.42 -3.25
CA VAL B 22 -11.06 -41.86 -3.74
C VAL B 22 -10.03 -40.75 -3.56
N ASP B 23 -10.26 -39.87 -2.59
CA ASP B 23 -9.30 -38.84 -2.24
C ASP B 23 -8.25 -39.31 -1.23
N ALA B 24 -8.20 -40.61 -0.93
CA ALA B 24 -7.24 -41.15 0.04
C ALA B 24 -6.91 -42.59 -0.34
N PRO B 25 -5.71 -43.07 -0.02
CA PRO B 25 -5.40 -44.47 -0.26
C PRO B 25 -6.22 -45.36 0.67
N VAL B 26 -6.29 -46.62 0.29
CA VAL B 26 -6.91 -47.66 1.11
C VAL B 26 -5.81 -48.47 1.76
N SER B 27 -5.97 -48.73 3.06
CA SER B 27 -4.99 -49.45 3.87
C SER B 27 -5.63 -50.66 4.55
N VAL B 28 -4.76 -51.60 4.95
CA VAL B 28 -5.14 -52.80 5.70
C VAL B 28 -4.09 -52.99 6.77
N THR B 29 -4.53 -53.25 8.01
CA THR B 29 -3.64 -53.29 9.16
C THR B 29 -3.85 -54.60 9.90
N ALA B 30 -2.74 -55.20 10.34
CA ALA B 30 -2.81 -56.43 11.11
C ALA B 30 -2.53 -56.15 12.58
N ALA B 31 -3.25 -56.87 13.45
CA ALA B 31 -3.03 -56.82 14.88
C ALA B 31 -2.83 -58.24 15.38
N ASP B 32 -1.95 -58.39 16.38
CA ASP B 32 -1.63 -59.69 16.95
C ASP B 32 -1.07 -60.64 15.88
N GLY B 33 -0.24 -60.10 15.00
CA GLY B 33 0.25 -60.84 13.86
C GLY B 33 0.72 -59.88 12.78
N VAL B 34 1.05 -60.45 11.62
CA VAL B 34 1.57 -59.69 10.50
C VAL B 34 0.80 -60.08 9.26
N LEU B 35 0.82 -59.16 8.28
CA LEU B 35 0.17 -59.41 7.00
C LEU B 35 1.03 -60.34 6.17
N ALA B 36 0.46 -61.48 5.78
CA ALA B 36 1.18 -62.39 4.89
C ALA B 36 0.96 -62.02 3.43
N ALA B 37 -0.25 -61.60 3.08
CA ALA B 37 -0.53 -61.17 1.72
C ALA B 37 -1.79 -60.32 1.73
N VAL B 38 -1.81 -59.34 0.85
CA VAL B 38 -2.97 -58.49 0.60
C VAL B 38 -3.08 -58.30 -0.90
N THR B 39 -4.28 -58.49 -1.43
CA THR B 39 -4.52 -58.23 -2.83
C THR B 39 -5.79 -57.42 -2.97
N MET B 40 -5.82 -56.55 -3.97
N MET B 40 -5.81 -56.50 -3.92
CA MET B 40 -6.98 -55.74 -4.28
CA MET B 40 -7.00 -55.74 -4.28
C MET B 40 -7.17 -55.77 -5.79
C MET B 40 -7.17 -55.81 -5.78
N VAL B 41 -8.39 -56.12 -6.23
CA VAL B 41 -8.73 -56.16 -7.64
C VAL B 41 -10.00 -55.36 -7.86
N ASN B 42 -10.17 -54.90 -9.10
CA ASN B 42 -11.37 -54.17 -9.44
C ASN B 42 -12.38 -55.12 -10.09
N ASP B 43 -13.54 -54.56 -10.44
CA ASP B 43 -14.63 -55.34 -11.01
C ASP B 43 -14.24 -56.02 -12.32
N ASN B 44 -13.23 -55.52 -13.02
CA ASN B 44 -12.73 -56.13 -14.24
C ASN B 44 -11.61 -57.12 -14.00
N GLY B 45 -11.29 -57.43 -12.75
CA GLY B 45 -10.25 -58.38 -12.41
C GLY B 45 -8.84 -57.83 -12.40
N ARG B 46 -8.65 -56.55 -12.69
CA ARG B 46 -7.32 -55.95 -12.78
C ARG B 46 -6.78 -55.68 -11.37
N PRO B 47 -5.52 -56.01 -11.10
CA PRO B 47 -4.95 -55.75 -9.78
C PRO B 47 -4.63 -54.29 -9.55
N VAL B 48 -4.61 -53.91 -8.29
CA VAL B 48 -4.29 -52.56 -7.86
C VAL B 48 -2.91 -52.58 -7.21
N ALA B 49 -2.07 -51.62 -7.58
CA ALA B 49 -0.74 -51.54 -7.00
C ALA B 49 -0.79 -51.18 -5.52
N GLY B 50 0.05 -51.83 -4.74
CA GLY B 50 0.09 -51.61 -3.30
C GLY B 50 1.43 -52.04 -2.76
N ARG B 51 1.65 -51.71 -1.48
CA ARG B 51 2.94 -51.93 -0.85
C ARG B 51 2.73 -52.27 0.62
N LEU B 52 3.37 -53.36 1.05
CA LEU B 52 3.37 -53.76 2.45
C LEU B 52 4.54 -53.11 3.16
N SER B 53 4.32 -52.68 4.40
CA SER B 53 5.37 -52.02 5.14
C SER B 53 6.44 -53.03 5.56
N PRO B 54 7.68 -52.57 5.78
CA PRO B 54 8.76 -53.49 6.13
C PRO B 54 8.47 -54.33 7.36
N ASP B 55 7.76 -53.78 8.35
CA ASP B 55 7.45 -54.54 9.55
C ASP B 55 6.24 -55.45 9.37
N GLY B 56 5.67 -55.47 8.17
CA GLY B 56 4.57 -56.37 7.85
C GLY B 56 3.24 -56.04 8.48
N LEU B 57 3.08 -54.83 9.03
CA LEU B 57 1.87 -54.52 9.76
C LEU B 57 0.85 -53.73 8.93
N ARG B 58 1.30 -53.02 7.89
CA ARG B 58 0.46 -52.05 7.19
C ARG B 58 0.69 -52.16 5.70
N TRP B 59 -0.40 -52.41 4.98
CA TRP B 59 -0.43 -52.41 3.51
C TRP B 59 -1.26 -51.23 3.04
N SER B 60 -0.85 -50.62 1.93
CA SER B 60 -1.57 -49.47 1.40
C SER B 60 -1.54 -49.50 -0.12
N THR B 61 -2.62 -49.01 -0.74
CA THR B 61 -2.60 -48.82 -2.18
C THR B 61 -1.59 -47.74 -2.53
N THR B 62 -0.99 -47.86 -3.72
CA THR B 62 0.01 -46.90 -4.17
C THR B 62 -0.34 -46.21 -5.48
N GLU B 63 -1.47 -46.53 -6.09
CA GLU B 63 -1.92 -45.83 -7.29
C GLU B 63 -3.31 -45.26 -7.05
N GLN B 64 -3.72 -44.38 -7.94
CA GLN B 64 -5.00 -43.71 -7.80
C GLN B 64 -6.13 -44.72 -7.97
N LEU B 65 -7.13 -44.66 -7.09
CA LEU B 65 -8.33 -45.46 -7.23
C LEU B 65 -9.35 -44.69 -8.05
N GLY B 66 -10.16 -45.43 -8.82
CA GLY B 66 -11.08 -44.83 -9.76
C GLY B 66 -12.49 -44.64 -9.26
N TYR B 67 -13.16 -43.62 -9.83
CA TYR B 67 -14.59 -43.50 -9.70
C TYR B 67 -15.29 -44.71 -10.35
N ASN B 68 -16.53 -44.98 -9.91
CA ASN B 68 -17.39 -45.98 -10.52
C ASN B 68 -16.70 -47.34 -10.57
N ARG B 69 -16.13 -47.73 -9.44
CA ARG B 69 -15.37 -48.95 -9.33
C ARG B 69 -15.90 -49.79 -8.18
N ARG B 70 -15.83 -51.11 -8.36
CA ARG B 70 -16.09 -52.05 -7.27
C ARG B 70 -14.80 -52.79 -7.00
N TYR B 71 -14.27 -52.65 -5.79
CA TYR B 71 -12.97 -53.21 -5.44
C TYR B 71 -13.13 -54.33 -4.43
N THR B 72 -12.33 -55.38 -4.56
CA THR B 72 -12.38 -56.54 -3.67
C THR B 72 -11.00 -56.75 -3.07
N LEU B 73 -10.95 -56.74 -1.75
CA LEU B 73 -9.73 -56.89 -0.97
C LEU B 73 -9.70 -58.31 -0.40
N ASN B 74 -8.58 -59.00 -0.57
CA ASN B 74 -8.34 -60.29 0.09
C ASN B 74 -7.04 -60.17 0.88
N ALA B 75 -7.08 -60.55 2.16
CA ALA B 75 -5.95 -60.39 3.05
C ALA B 75 -5.84 -61.59 3.98
N THR B 76 -4.61 -62.00 4.24
CA THR B 76 -4.31 -63.08 5.19
C THR B 76 -3.27 -62.57 6.16
N ALA B 77 -3.49 -62.85 7.44
CA ALA B 77 -2.58 -62.49 8.51
C ALA B 77 -2.10 -63.74 9.23
N LEU B 78 -0.84 -63.75 9.65
CA LEU B 78 -0.26 -64.86 10.40
C LEU B 78 0.39 -64.33 11.68
N GLY B 79 0.21 -65.10 12.75
CA GLY B 79 0.88 -64.78 14.00
C GLY B 79 1.36 -66.05 14.67
N LEU B 80 1.99 -65.86 15.83
CA LEU B 80 2.36 -67.00 16.65
C LEU B 80 1.13 -67.79 17.08
N GLY B 81 -0.03 -67.13 17.16
CA GLY B 81 -1.25 -67.75 17.63
C GLY B 81 -2.23 -68.21 16.57
N GLY B 82 -1.89 -68.12 15.28
CA GLY B 82 -2.71 -68.72 14.26
C GLY B 82 -2.80 -67.84 13.01
N ALA B 83 -3.78 -68.17 12.17
CA ALA B 83 -3.96 -67.50 10.89
C ALA B 83 -5.38 -66.96 10.77
N ALA B 84 -5.51 -65.87 10.03
CA ALA B 84 -6.79 -65.20 9.82
C ALA B 84 -6.83 -64.67 8.38
N THR B 85 -8.00 -64.76 7.76
CA THR B 85 -8.20 -64.29 6.40
C THR B 85 -9.50 -63.50 6.33
N ARG B 86 -9.53 -62.51 5.44
CA ARG B 86 -10.72 -61.68 5.26
C ARG B 86 -10.87 -61.29 3.80
N GLN B 87 -12.13 -61.16 3.38
CA GLN B 87 -12.51 -60.69 2.04
C GLN B 87 -13.48 -59.54 2.20
N LEU B 88 -13.13 -58.37 1.65
CA LEU B 88 -13.91 -57.15 1.74
C LEU B 88 -14.19 -56.65 0.33
N THR B 89 -15.39 -56.14 0.10
CA THR B 89 -15.70 -55.46 -1.15
C THR B 89 -16.36 -54.13 -0.88
N PHE B 90 -15.97 -53.11 -1.65
CA PHE B 90 -16.53 -51.77 -1.50
C PHE B 90 -16.67 -51.12 -2.88
N GLN B 91 -17.55 -50.13 -2.97
N GLN B 91 -17.52 -50.11 -2.95
CA GLN B 91 -17.78 -49.39 -4.20
CA GLN B 91 -17.81 -49.38 -4.18
C GLN B 91 -17.46 -47.91 -4.00
C GLN B 91 -17.48 -47.90 -4.00
N THR B 92 -16.78 -47.33 -4.98
CA THR B 92 -16.35 -45.93 -4.89
C THR B 92 -17.40 -44.97 -5.44
N SER B 93 -17.17 -43.68 -5.19
CA SER B 93 -18.07 -42.63 -5.67
C SER B 93 -18.46 -42.80 -7.14
N SER B 94 -19.71 -42.48 -7.44
CA SER B 94 -20.24 -42.43 -8.81
C SER B 94 -20.64 -41.00 -9.13
N PRO B 95 -19.73 -40.16 -9.63
CA PRO B 95 -20.08 -38.75 -9.87
C PRO B 95 -21.15 -38.58 -10.93
N ALA B 96 -21.94 -37.53 -10.76
CA ALA B 96 -22.85 -37.09 -11.81
C ALA B 96 -22.13 -36.26 -12.87
N HIS B 97 -21.04 -35.62 -12.48
CA HIS B 97 -20.31 -34.72 -13.36
C HIS B 97 -18.92 -34.57 -12.77
N LEU B 98 -17.95 -34.31 -13.65
CA LEU B 98 -16.61 -33.95 -13.20
C LEU B 98 -16.32 -32.50 -13.58
N THR B 99 -15.40 -31.88 -12.84
CA THR B 99 -14.90 -30.55 -13.17
C THR B 99 -13.38 -30.51 -13.01
N MET B 100 -12.71 -29.87 -13.97
CA MET B 100 -11.27 -29.73 -13.94
C MET B 100 -10.90 -28.34 -13.43
N PRO B 101 -10.02 -28.24 -12.45
CA PRO B 101 -9.51 -26.95 -12.01
C PRO B 101 -8.29 -26.55 -12.82
N TYR B 102 -8.11 -25.22 -12.94
CA TYR B 102 -6.99 -24.60 -13.62
C TYR B 102 -6.45 -23.52 -12.71
N VAL B 103 -5.14 -23.52 -12.48
CA VAL B 103 -4.52 -22.65 -11.49
C VAL B 103 -3.64 -21.64 -12.19
N MET B 104 -3.68 -20.41 -11.69
CA MET B 104 -2.75 -19.35 -12.04
C MET B 104 -2.20 -18.75 -10.76
N PRO B 105 -0.97 -18.21 -10.79
CA PRO B 105 -0.04 -18.17 -11.92
C PRO B 105 0.62 -19.51 -12.19
N GLY B 106 1.41 -19.54 -13.26
CA GLY B 106 2.03 -20.76 -13.72
C GLY B 106 3.07 -21.30 -12.76
N ASP B 107 3.30 -22.61 -12.84
CA ASP B 107 4.28 -23.23 -11.98
C ASP B 107 5.67 -22.71 -12.30
N GLY B 108 6.41 -22.37 -11.26
CA GLY B 108 7.77 -21.92 -11.41
C GLY B 108 7.91 -20.45 -11.74
N GLU B 109 6.80 -19.73 -11.84
CA GLU B 109 6.85 -18.32 -12.22
C GLU B 109 7.31 -17.46 -11.05
N VAL B 110 7.84 -16.28 -11.39
CA VAL B 110 8.13 -15.23 -10.43
C VAL B 110 7.16 -14.09 -10.75
N VAL B 111 6.39 -13.66 -9.76
CA VAL B 111 5.29 -12.75 -9.98
C VAL B 111 5.38 -11.60 -8.98
N GLY B 112 4.59 -10.55 -9.27
CA GLY B 112 4.60 -9.34 -8.46
C GLY B 112 3.80 -9.48 -7.17
N VAL B 113 3.89 -8.43 -6.35
CA VAL B 113 3.37 -8.46 -4.98
C VAL B 113 1.85 -8.39 -4.92
N GLY B 114 1.19 -8.09 -6.03
CA GLY B 114 -0.26 -8.05 -6.08
C GLY B 114 -0.92 -9.29 -6.64
N GLU B 115 -0.16 -10.34 -6.92
CA GLU B 115 -0.70 -11.50 -7.64
C GLU B 115 -1.48 -12.39 -6.71
N PRO B 116 -2.79 -12.53 -6.88
CA PRO B 116 -3.54 -13.50 -6.09
C PRO B 116 -3.38 -14.90 -6.67
N VAL B 117 -3.66 -15.89 -5.83
CA VAL B 117 -3.84 -17.26 -6.28
C VAL B 117 -5.23 -17.39 -6.91
N ALA B 118 -5.30 -18.03 -8.06
CA ALA B 118 -6.56 -18.19 -8.79
C ALA B 118 -6.78 -19.66 -9.12
N ILE B 119 -7.95 -20.16 -8.73
CA ILE B 119 -8.37 -21.51 -9.08
C ILE B 119 -9.67 -21.38 -9.86
N ARG B 120 -9.61 -21.65 -11.17
CA ARG B 120 -10.77 -21.55 -12.06
C ARG B 120 -11.22 -22.97 -12.44
N PHE B 121 -12.46 -23.31 -12.10
CA PHE B 121 -13.04 -24.58 -12.51
C PHE B 121 -13.77 -24.44 -13.83
N ASP B 122 -13.90 -25.54 -14.57
CA ASP B 122 -14.61 -25.49 -15.84
C ASP B 122 -16.10 -25.76 -15.69
N GLU B 123 -16.60 -25.79 -14.46
CA GLU B 123 -18.03 -25.95 -14.21
C GLU B 123 -18.41 -25.09 -13.00
N ASN B 124 -19.69 -24.74 -12.92
CA ASN B 124 -20.19 -24.03 -11.75
C ASN B 124 -20.08 -24.92 -10.52
N ILE B 125 -19.66 -24.33 -9.40
CA ILE B 125 -19.35 -25.05 -8.17
C ILE B 125 -20.51 -24.85 -7.20
N ALA B 126 -21.21 -25.94 -6.86
CA ALA B 126 -22.38 -25.84 -6.00
C ALA B 126 -22.00 -25.76 -4.53
N ASP B 127 -20.90 -26.38 -4.12
CA ASP B 127 -20.46 -26.37 -2.74
C ASP B 127 -19.11 -25.65 -2.69
N ARG B 128 -19.18 -24.32 -2.63
CA ARG B 128 -17.95 -23.51 -2.61
C ARG B 128 -17.11 -23.85 -1.40
N GLY B 129 -17.76 -24.11 -0.27
CA GLY B 129 -17.03 -24.47 0.94
C GLY B 129 -16.18 -25.70 0.75
N ALA B 130 -16.73 -26.72 0.08
CA ALA B 130 -15.97 -27.95 -0.14
C ALA B 130 -14.78 -27.70 -1.05
N ALA B 131 -14.94 -26.87 -2.09
CA ALA B 131 -13.81 -26.52 -2.93
C ALA B 131 -12.71 -25.81 -2.10
N GLU B 132 -13.11 -24.81 -1.31
CA GLU B 132 -12.12 -24.08 -0.49
C GLU B 132 -11.37 -25.02 0.43
N LYS B 133 -12.09 -25.95 1.07
CA LYS B 133 -11.45 -26.89 1.99
C LYS B 133 -10.43 -27.78 1.30
N ALA B 134 -10.66 -28.10 0.01
CA ALA B 134 -9.79 -28.98 -0.76
C ALA B 134 -8.56 -28.29 -1.32
N ILE B 135 -8.43 -26.97 -1.16
CA ILE B 135 -7.30 -26.21 -1.70
C ILE B 135 -6.37 -25.85 -0.55
N LYS B 136 -5.15 -26.39 -0.58
CA LYS B 136 -4.15 -26.18 0.44
C LYS B 136 -3.11 -25.17 -0.06
N ILE B 137 -3.06 -24.00 0.57
CA ILE B 137 -2.09 -22.94 0.24
C ILE B 137 -1.04 -22.89 1.34
N THR B 138 0.22 -23.12 0.97
CA THR B 138 1.35 -22.97 1.88
C THR B 138 2.16 -21.74 1.48
N THR B 139 2.53 -20.91 2.47
CA THR B 139 3.32 -19.71 2.22
C THR B 139 4.54 -19.67 3.13
N ASN B 140 5.64 -19.13 2.60
CA ASN B 140 6.90 -19.04 3.32
C ASN B 140 7.65 -17.78 2.90
N PRO B 141 7.79 -16.78 3.79
CA PRO B 141 7.29 -16.66 5.17
C PRO B 141 5.77 -16.78 5.27
N PRO B 142 5.26 -17.47 6.31
CA PRO B 142 3.81 -17.65 6.43
C PRO B 142 3.08 -16.32 6.59
N VAL B 143 1.90 -16.25 5.94
CA VAL B 143 1.02 -15.10 6.07
C VAL B 143 -0.42 -15.58 5.92
N GLU B 144 -1.34 -14.84 6.52
CA GLU B 144 -2.75 -15.17 6.48
C GLU B 144 -3.37 -14.72 5.17
N GLY B 145 -4.25 -15.57 4.63
CA GLY B 145 -5.03 -15.19 3.47
C GLY B 145 -6.40 -15.82 3.53
N ALA B 146 -7.20 -15.56 2.51
CA ALA B 146 -8.59 -15.99 2.52
C ALA B 146 -9.08 -16.13 1.08
N PHE B 147 -10.19 -16.87 0.92
CA PHE B 147 -10.79 -17.12 -0.38
C PHE B 147 -11.93 -16.15 -0.65
N TYR B 148 -12.06 -15.74 -1.91
CA TYR B 148 -13.22 -14.97 -2.36
C TYR B 148 -13.53 -15.34 -3.79
N TRP B 149 -14.81 -15.54 -4.10
CA TRP B 149 -15.24 -16.01 -5.41
C TRP B 149 -15.60 -14.84 -6.31
N LEU B 150 -14.97 -14.77 -7.48
CA LEU B 150 -15.26 -13.73 -8.45
C LEU B 150 -16.52 -14.04 -9.27
N ASN B 151 -16.86 -15.31 -9.43
CA ASN B 151 -18.04 -15.74 -10.15
C ASN B 151 -18.29 -17.19 -9.73
N ASN B 152 -19.17 -17.89 -10.45
CA ASN B 152 -19.55 -19.24 -10.05
C ASN B 152 -18.45 -20.27 -10.28
N ARG B 153 -17.39 -19.92 -11.00
CA ARG B 153 -16.37 -20.89 -11.34
C ARG B 153 -14.97 -20.58 -10.83
N GLU B 154 -14.68 -19.34 -10.44
CA GLU B 154 -13.31 -18.98 -10.13
C GLU B 154 -13.25 -18.40 -8.72
N VAL B 155 -12.34 -18.95 -7.93
CA VAL B 155 -12.08 -18.48 -6.58
C VAL B 155 -10.67 -17.92 -6.54
N ARG B 156 -10.48 -16.89 -5.72
CA ARG B 156 -9.21 -16.20 -5.54
C ARG B 156 -8.78 -16.32 -4.08
N TRP B 157 -7.46 -16.30 -3.86
CA TRP B 157 -6.89 -16.33 -2.52
C TRP B 157 -5.79 -15.29 -2.43
N ARG B 158 -5.81 -14.45 -1.40
CA ARG B 158 -4.75 -13.46 -1.25
C ARG B 158 -4.64 -13.09 0.21
N PRO B 159 -3.54 -12.48 0.61
CA PRO B 159 -3.43 -11.92 1.96
C PRO B 159 -4.06 -10.54 2.04
N GLU B 160 -3.97 -9.96 3.24
CA GLU B 160 -4.59 -8.67 3.50
C GLU B 160 -3.80 -7.54 2.88
N HIS B 161 -2.48 -7.64 2.90
CA HIS B 161 -1.60 -6.67 2.25
C HIS B 161 -0.84 -7.34 1.12
N PHE B 162 -0.26 -6.52 0.25
CA PHE B 162 0.57 -7.04 -0.82
C PHE B 162 1.58 -8.04 -0.27
N TRP B 163 1.93 -9.04 -1.09
CA TRP B 163 2.97 -9.98 -0.71
C TRP B 163 4.28 -9.26 -0.40
N LYS B 164 5.06 -9.84 0.50
CA LYS B 164 6.43 -9.41 0.68
C LYS B 164 7.33 -10.12 -0.34
N PRO B 165 8.27 -9.43 -0.98
CA PRO B 165 9.19 -10.10 -1.90
C PRO B 165 9.93 -11.25 -1.23
N GLY B 166 10.15 -12.31 -1.99
CA GLY B 166 10.85 -13.47 -1.50
C GLY B 166 9.95 -14.54 -0.91
N THR B 167 8.65 -14.37 -1.01
CA THR B 167 7.70 -15.33 -0.45
C THR B 167 7.48 -16.48 -1.43
N ALA B 168 7.59 -17.70 -0.90
CA ALA B 168 7.25 -18.91 -1.65
C ALA B 168 5.77 -19.22 -1.42
N VAL B 169 5.08 -19.55 -2.52
CA VAL B 169 3.66 -19.88 -2.47
C VAL B 169 3.46 -21.25 -3.12
N ASP B 170 2.85 -22.16 -2.37
CA ASP B 170 2.57 -23.52 -2.84
C ASP B 170 1.06 -23.72 -2.84
N VAL B 171 0.53 -24.20 -3.97
CA VAL B 171 -0.91 -24.36 -4.16
C VAL B 171 -1.20 -25.82 -4.53
N ALA B 172 -1.84 -26.53 -3.61
CA ALA B 172 -2.22 -27.92 -3.81
C ALA B 172 -3.74 -27.96 -3.92
N VAL B 173 -4.24 -28.19 -5.14
CA VAL B 173 -5.67 -28.26 -5.40
C VAL B 173 -6.03 -29.74 -5.40
N ASN B 174 -6.48 -30.23 -4.25
CA ASN B 174 -6.67 -31.67 -4.07
C ASN B 174 -8.15 -32.03 -4.21
N THR B 175 -8.69 -31.79 -5.40
CA THR B 175 -10.11 -32.00 -5.68
C THR B 175 -10.45 -33.40 -6.15
N TYR B 176 -9.47 -34.21 -6.55
CA TYR B 176 -9.83 -35.54 -7.03
C TYR B 176 -10.46 -36.33 -5.89
N GLY B 177 -11.62 -36.93 -6.16
CA GLY B 177 -12.35 -37.66 -5.15
C GLY B 177 -13.18 -36.82 -4.23
N VAL B 178 -13.17 -35.49 -4.38
CA VAL B 178 -13.93 -34.59 -3.52
C VAL B 178 -15.25 -34.25 -4.18
N ASP B 179 -16.34 -34.41 -3.42
CA ASP B 179 -17.68 -33.99 -3.82
C ASP B 179 -17.80 -32.48 -3.67
N LEU B 180 -17.94 -31.76 -4.78
CA LEU B 180 -18.08 -30.32 -4.80
C LEU B 180 -19.53 -29.89 -4.92
N GLY B 181 -20.46 -30.78 -4.60
CA GLY B 181 -21.85 -30.41 -4.57
C GLY B 181 -22.60 -30.89 -5.79
N GLU B 182 -23.84 -31.34 -5.57
CA GLU B 182 -24.73 -31.78 -6.63
C GLU B 182 -24.12 -32.90 -7.47
N GLY B 183 -23.28 -33.71 -6.85
CA GLY B 183 -22.70 -34.85 -7.55
C GLY B 183 -21.53 -34.50 -8.43
N MET B 184 -21.01 -33.28 -8.31
N MET B 184 -20.99 -33.29 -8.28
CA MET B 184 -19.84 -32.82 -9.05
CA MET B 184 -19.85 -32.83 -9.06
C MET B 184 -18.59 -33.22 -8.28
C MET B 184 -18.57 -33.18 -8.30
N PHE B 185 -17.69 -33.95 -8.94
CA PHE B 185 -16.44 -34.36 -8.33
C PHE B 185 -15.27 -33.79 -9.14
N GLY B 186 -14.15 -33.57 -8.46
CA GLY B 186 -12.94 -33.15 -9.13
C GLY B 186 -12.46 -34.12 -10.18
N GLU B 187 -12.12 -33.63 -11.35
CA GLU B 187 -11.62 -34.51 -12.40
C GLU B 187 -10.18 -34.95 -12.11
N ASP B 188 -9.42 -34.12 -11.40
CA ASP B 188 -7.99 -34.35 -11.22
C ASP B 188 -7.50 -33.43 -10.11
N ASN B 189 -6.29 -33.69 -9.65
CA ASN B 189 -5.61 -32.78 -8.75
C ASN B 189 -4.71 -31.86 -9.58
N VAL B 190 -4.38 -30.71 -9.00
CA VAL B 190 -3.46 -29.77 -9.65
C VAL B 190 -2.51 -29.22 -8.60
N GLN B 191 -1.26 -29.03 -9.00
CA GLN B 191 -0.20 -28.57 -8.11
C GLN B 191 0.60 -27.49 -8.82
N THR B 192 0.81 -26.34 -8.16
CA THR B 192 1.66 -25.29 -8.70
C THR B 192 2.44 -24.62 -7.57
N HIS B 193 3.62 -24.11 -7.90
CA HIS B 193 4.45 -23.40 -6.94
C HIS B 193 5.00 -22.18 -7.65
N PHE B 194 5.01 -21.04 -6.97
CA PHE B 194 5.58 -19.82 -7.54
C PHE B 194 6.19 -18.99 -6.43
N THR B 195 6.88 -17.91 -6.84
CA THR B 195 7.62 -17.07 -5.91
C THR B 195 7.32 -15.61 -6.22
N ILE B 196 7.37 -14.77 -5.17
CA ILE B 196 7.12 -13.34 -5.31
C ILE B 196 8.44 -12.61 -5.52
N GLY B 197 8.50 -11.80 -6.56
CA GLY B 197 9.67 -11.05 -6.91
C GLY B 197 9.65 -9.65 -6.34
N ASP B 198 10.32 -8.73 -7.03
CA ASP B 198 10.42 -7.36 -6.58
C ASP B 198 9.05 -6.72 -6.38
N GLU B 199 8.99 -5.79 -5.44
CA GLU B 199 7.84 -4.89 -5.25
C GLU B 199 7.87 -3.80 -6.31
N VAL B 200 6.88 -3.80 -7.19
CA VAL B 200 6.78 -2.83 -8.28
C VAL B 200 5.39 -2.22 -8.21
N ILE B 201 5.30 -0.94 -7.88
CA ILE B 201 4.03 -0.25 -7.75
C ILE B 201 4.08 1.00 -8.60
N ALA B 202 3.16 1.10 -9.57
CA ALA B 202 3.10 2.25 -10.46
C ALA B 202 1.83 3.03 -10.15
N THR B 203 1.97 4.29 -9.78
CA THR B 203 0.86 5.17 -9.42
C THR B 203 0.63 6.18 -10.53
N ALA B 204 -0.60 6.24 -11.04
CA ALA B 204 -1.01 7.27 -11.99
C ALA B 204 -1.88 8.28 -11.26
N ASP B 205 -1.38 9.50 -11.12
CA ASP B 205 -2.06 10.57 -10.41
C ASP B 205 -2.73 11.48 -11.45
N ASP B 206 -4.06 11.54 -11.44
CA ASP B 206 -4.74 12.41 -12.40
C ASP B 206 -4.49 13.89 -12.12
N ASN B 207 -4.09 14.23 -10.89
CA ASN B 207 -3.75 15.62 -10.61
C ASN B 207 -2.50 16.06 -11.36
N THR B 208 -1.54 15.16 -11.53
CA THR B 208 -0.28 15.49 -12.20
C THR B 208 -0.17 14.89 -13.60
N LYS B 209 -0.97 13.87 -13.89
CA LYS B 209 -0.94 13.16 -15.17
C LYS B 209 0.44 12.54 -15.41
N ILE B 210 1.02 12.05 -14.32
CA ILE B 210 2.26 11.30 -14.32
C ILE B 210 1.98 9.90 -13.80
N LEU B 211 2.52 8.90 -14.47
CA LEU B 211 2.57 7.53 -13.98
C LEU B 211 3.97 7.26 -13.46
N THR B 212 4.10 7.13 -12.15
CA THR B 212 5.39 6.94 -11.50
C THR B 212 5.55 5.48 -11.11
N VAL B 213 6.69 4.88 -11.50
CA VAL B 213 6.98 3.49 -11.19
C VAL B 213 7.99 3.47 -10.06
N ARG B 214 7.65 2.79 -8.97
N ARG B 214 7.65 2.77 -8.98
CA ARG B 214 8.55 2.59 -7.86
CA ARG B 214 8.55 2.60 -7.86
C ARG B 214 8.91 1.12 -7.77
C ARG B 214 8.91 1.13 -7.75
N VAL B 215 10.20 0.84 -7.66
CA VAL B 215 10.72 -0.52 -7.51
C VAL B 215 11.37 -0.59 -6.14
N ASN B 216 10.87 -1.52 -5.31
CA ASN B 216 11.32 -1.68 -3.93
C ASN B 216 11.48 -0.32 -3.24
N GLY B 217 10.45 0.52 -3.42
CA GLY B 217 10.37 1.81 -2.76
C GLY B 217 11.06 2.96 -3.46
N GLU B 218 11.79 2.70 -4.54
CA GLU B 218 12.60 3.72 -5.22
C GLU B 218 11.92 4.17 -6.52
N VAL B 219 11.90 5.48 -6.76
CA VAL B 219 11.40 6.03 -8.02
C VAL B 219 12.40 5.68 -9.13
N VAL B 220 11.95 4.93 -10.13
CA VAL B 220 12.80 4.57 -11.26
C VAL B 220 12.30 5.08 -12.59
N LYS B 221 11.07 5.57 -12.68
CA LYS B 221 10.55 6.06 -13.95
C LYS B 221 9.37 6.96 -13.69
N SER B 222 9.29 8.08 -14.42
CA SER B 222 8.18 9.01 -14.34
C SER B 222 7.68 9.26 -15.76
N MET B 223 6.50 8.72 -16.08
CA MET B 223 5.98 8.69 -17.44
C MET B 223 4.84 9.67 -17.59
N PRO B 224 4.95 10.68 -18.45
CA PRO B 224 3.76 11.48 -18.77
C PRO B 224 2.70 10.58 -19.38
N THR B 225 1.46 10.76 -18.94
CA THR B 225 0.37 9.90 -19.41
C THR B 225 -0.85 10.74 -19.74
N SER B 226 -1.69 10.19 -20.61
CA SER B 226 -3.01 10.75 -20.89
C SER B 226 -4.01 9.64 -20.65
N MET B 227 -4.92 9.83 -19.70
CA MET B 227 -5.89 8.79 -19.34
C MET B 227 -7.24 9.08 -20.01
N GLY B 228 -8.32 8.50 -19.47
CA GLY B 228 -9.61 8.61 -20.11
C GLY B 228 -10.17 10.02 -20.01
N LYS B 229 -10.63 10.55 -21.14
CA LYS B 229 -11.30 11.85 -21.12
C LYS B 229 -12.54 11.79 -20.23
N ASP B 230 -13.08 12.97 -19.90
CA ASP B 230 -14.15 13.06 -18.91
C ASP B 230 -15.32 12.13 -19.25
N SER B 231 -15.70 12.07 -20.52
CA SER B 231 -16.87 11.28 -20.91
C SER B 231 -16.59 9.79 -20.93
N THR B 232 -15.32 9.38 -20.93
CA THR B 232 -14.95 7.96 -20.90
C THR B 232 -13.74 7.81 -19.98
N PRO B 233 -13.93 8.03 -18.69
CA PRO B 233 -12.78 8.20 -17.79
C PRO B 233 -12.19 6.88 -17.33
N THR B 234 -10.95 6.98 -16.86
CA THR B 234 -10.27 5.86 -16.24
C THR B 234 -10.74 5.74 -14.79
N ALA B 235 -11.09 4.52 -14.36
CA ALA B 235 -11.53 4.31 -12.99
C ALA B 235 -10.34 4.37 -12.03
N ASN B 236 -10.58 4.94 -10.84
CA ASN B 236 -9.60 4.92 -9.77
C ASN B 236 -9.51 3.52 -9.16
N GLY B 237 -8.40 3.26 -8.47
CA GLY B 237 -8.29 2.07 -7.65
C GLY B 237 -7.06 1.28 -7.97
N ILE B 238 -7.05 0.02 -7.52
CA ILE B 238 -5.85 -0.82 -7.61
C ILE B 238 -6.04 -1.84 -8.71
N TYR B 239 -5.09 -1.85 -9.66
CA TYR B 239 -5.08 -2.77 -10.79
C TYR B 239 -3.91 -3.73 -10.67
N ILE B 240 -4.16 -5.01 -10.97
CA ILE B 240 -3.12 -6.02 -11.03
C ILE B 240 -2.66 -6.16 -12.48
N VAL B 241 -1.35 -6.08 -12.72
CA VAL B 241 -0.80 -6.32 -14.05
C VAL B 241 -1.06 -7.76 -14.48
N GLY B 242 -1.56 -7.92 -15.70
CA GLY B 242 -1.84 -9.23 -16.27
C GLY B 242 -0.91 -9.55 -17.42
N SER B 243 -1.46 -9.78 -18.61
CA SER B 243 -0.66 -10.15 -19.76
C SER B 243 0.01 -8.94 -20.41
N ARG B 244 1.07 -9.23 -21.18
CA ARG B 244 1.88 -8.27 -21.91
C ARG B 244 1.92 -8.67 -23.38
N TYR B 245 1.87 -7.69 -24.27
CA TYR B 245 1.86 -7.91 -25.70
C TYR B 245 2.78 -6.92 -26.39
N LYS B 246 3.67 -7.43 -27.24
CA LYS B 246 4.46 -6.54 -28.10
C LYS B 246 3.56 -5.73 -29.01
N HIS B 247 2.44 -6.30 -29.45
CA HIS B 247 1.41 -5.51 -30.10
C HIS B 247 0.11 -6.30 -30.05
N ILE B 248 -1.01 -5.60 -30.12
CA ILE B 248 -2.30 -6.29 -30.04
C ILE B 248 -3.37 -5.38 -30.62
N ILE B 249 -4.36 -6.00 -31.27
CA ILE B 249 -5.47 -5.26 -31.85
C ILE B 249 -6.52 -4.95 -30.78
N MET B 250 -6.93 -3.68 -30.75
CA MET B 250 -7.97 -3.16 -29.86
C MET B 250 -9.17 -2.79 -30.72
N ASP B 251 -10.31 -3.44 -30.47
CA ASP B 251 -11.52 -3.22 -31.25
C ASP B 251 -12.68 -2.94 -30.31
N SER B 252 -13.37 -1.82 -30.54
CA SER B 252 -14.51 -1.46 -29.70
C SER B 252 -15.72 -2.34 -29.97
N SER B 253 -15.80 -2.97 -31.14
CA SER B 253 -16.92 -3.85 -31.44
C SER B 253 -16.88 -5.13 -30.62
N THR B 254 -15.71 -5.48 -30.07
CA THR B 254 -15.66 -6.56 -29.08
C THR B 254 -16.56 -6.24 -27.90
N TYR B 255 -16.84 -4.97 -27.67
CA TYR B 255 -17.84 -4.53 -26.72
C TYR B 255 -19.05 -4.03 -27.51
N GLY B 256 -19.85 -3.15 -26.92
CA GLY B 256 -21.10 -2.76 -27.57
C GLY B 256 -20.92 -1.81 -28.73
N VAL B 257 -19.85 -1.03 -28.71
CA VAL B 257 -19.75 0.14 -29.59
C VAL B 257 -19.26 -0.32 -30.98
N PRO B 258 -19.98 0.02 -32.05
CA PRO B 258 -19.40 -0.17 -33.39
C PRO B 258 -18.22 0.75 -33.61
N VAL B 259 -17.29 0.29 -34.45
CA VAL B 259 -16.11 1.09 -34.77
C VAL B 259 -16.52 2.41 -35.42
N ASN B 260 -17.56 2.37 -36.26
CA ASN B 260 -17.98 3.58 -36.99
C ASN B 260 -18.71 4.58 -36.10
N SER B 261 -19.16 4.15 -34.90
CA SER B 261 -19.88 5.04 -34.03
C SER B 261 -18.93 6.05 -33.40
N PRO B 262 -19.45 7.12 -32.80
CA PRO B 262 -18.56 8.12 -32.20
C PRO B 262 -17.58 7.55 -31.19
N ASN B 263 -18.05 6.65 -30.32
CA ASN B 263 -17.21 6.09 -29.27
C ASN B 263 -16.41 4.87 -29.74
N GLY B 264 -16.40 4.59 -31.04
CA GLY B 264 -15.73 3.41 -31.55
C GLY B 264 -14.27 3.64 -31.89
N TYR B 265 -13.57 2.53 -32.12
CA TYR B 265 -12.16 2.56 -32.48
C TYR B 265 -11.73 1.17 -32.93
N ARG B 266 -10.77 1.13 -33.86
CA ARG B 266 -10.06 -0.09 -34.19
C ARG B 266 -8.61 0.27 -34.41
N THR B 267 -7.72 -0.23 -33.55
CA THR B 267 -6.33 0.19 -33.55
C THR B 267 -5.42 -0.95 -33.11
N ASP B 268 -4.39 -1.18 -33.91
CA ASP B 268 -3.31 -2.09 -33.54
C ASP B 268 -2.32 -1.30 -32.70
N VAL B 269 -2.20 -1.67 -31.42
CA VAL B 269 -1.39 -0.88 -30.48
C VAL B 269 -0.15 -1.68 -30.09
N ASP B 270 0.94 -0.95 -29.83
CA ASP B 270 2.22 -1.52 -29.47
C ASP B 270 2.42 -1.52 -27.96
N TRP B 271 3.24 -2.46 -27.50
CA TRP B 271 3.77 -2.44 -26.12
C TRP B 271 2.63 -2.22 -25.12
N ALA B 272 1.71 -3.19 -25.11
CA ALA B 272 0.47 -3.08 -24.37
C ALA B 272 0.52 -4.01 -23.16
N THR B 273 0.34 -3.44 -21.98
CA THR B 273 0.29 -4.22 -20.75
C THR B 273 -1.13 -4.16 -20.19
N GLN B 274 -1.77 -5.33 -20.07
CA GLN B 274 -3.14 -5.42 -19.54
C GLN B 274 -3.14 -5.18 -18.03
N ILE B 275 -4.07 -4.33 -17.57
CA ILE B 275 -4.25 -4.12 -16.13
C ILE B 275 -5.68 -4.30 -15.66
N SER B 276 -6.64 -4.54 -16.56
CA SER B 276 -7.98 -4.98 -16.13
C SER B 276 -8.59 -5.92 -17.16
N TYR B 277 -9.46 -6.82 -16.67
CA TYR B 277 -10.25 -7.64 -17.57
C TYR B 277 -11.24 -6.79 -18.36
N SER B 278 -11.65 -5.64 -17.81
CA SER B 278 -12.56 -4.76 -18.55
C SER B 278 -11.94 -4.19 -19.82
N GLY B 279 -10.62 -4.23 -19.94
CA GLY B 279 -9.95 -3.84 -21.17
C GLY B 279 -8.98 -2.69 -21.01
N VAL B 280 -8.63 -2.35 -19.77
CA VAL B 280 -7.71 -1.23 -19.53
C VAL B 280 -6.28 -1.70 -19.70
N PHE B 281 -5.50 -0.96 -20.49
CA PHE B 281 -4.10 -1.26 -20.76
C PHE B 281 -3.27 0.00 -20.54
N VAL B 282 -1.99 -0.23 -20.27
CA VAL B 282 -0.93 0.75 -20.50
C VAL B 282 -0.31 0.42 -21.86
N HIS B 283 -0.13 1.42 -22.72
CA HIS B 283 0.33 1.11 -24.07
C HIS B 283 0.91 2.34 -24.75
N SER B 284 1.64 2.08 -25.83
CA SER B 284 2.20 3.14 -26.67
C SER B 284 1.10 3.87 -27.42
N ALA B 285 1.12 5.20 -27.33
CA ALA B 285 0.12 6.05 -27.99
C ALA B 285 0.83 7.23 -28.62
N PRO B 286 1.49 7.03 -29.76
CA PRO B 286 2.17 8.16 -30.41
C PRO B 286 1.24 9.29 -30.80
N TRP B 287 -0.05 9.01 -31.00
CA TRP B 287 -0.99 10.03 -31.42
C TRP B 287 -1.36 11.01 -30.30
N SER B 288 -1.04 10.73 -29.05
CA SER B 288 -1.43 11.60 -27.93
C SER B 288 -0.22 12.13 -27.15
N VAL B 289 0.98 12.06 -27.72
CA VAL B 289 2.16 12.49 -27.00
C VAL B 289 2.04 13.95 -26.58
N GLY B 290 1.37 14.77 -27.38
CA GLY B 290 1.16 16.16 -27.00
C GLY B 290 0.29 16.32 -25.76
N ALA B 291 -0.66 15.42 -25.56
CA ALA B 291 -1.58 15.50 -24.42
C ALA B 291 -1.03 14.83 -23.17
N GLN B 292 -0.09 13.92 -23.31
CA GLN B 292 0.44 13.19 -22.17
C GLN B 292 1.17 14.14 -21.23
N GLY B 293 0.87 14.02 -19.92
CA GLY B 293 1.35 14.98 -18.95
C GLY B 293 0.54 16.26 -18.88
N HIS B 294 -0.50 16.39 -19.70
CA HIS B 294 -1.28 17.62 -19.74
C HIS B 294 -2.78 17.38 -19.65
N THR B 295 -3.35 16.58 -20.55
CA THR B 295 -4.79 16.42 -20.59
C THR B 295 -5.15 14.99 -20.97
N ASN B 296 -6.34 14.60 -20.55
CA ASN B 296 -6.86 13.25 -20.78
C ASN B 296 -7.63 13.21 -22.09
N THR B 297 -7.33 12.22 -22.93
CA THR B 297 -7.93 12.15 -24.26
C THR B 297 -8.35 10.74 -24.68
N SER B 298 -8.09 9.72 -23.86
CA SER B 298 -8.29 8.36 -24.32
C SER B 298 -9.71 7.89 -24.01
N HIS B 299 -10.01 6.64 -24.37
CA HIS B 299 -11.28 6.01 -24.06
C HIS B 299 -11.27 5.32 -22.71
N GLY B 300 -10.14 5.31 -22.00
CA GLY B 300 -10.07 4.65 -20.71
C GLY B 300 -8.68 4.12 -20.40
N CYS B 301 -7.90 3.88 -21.44
CA CYS B 301 -6.57 3.33 -21.25
C CYS B 301 -5.55 4.39 -20.85
N LEU B 302 -4.41 3.92 -20.36
CA LEU B 302 -3.30 4.80 -19.99
C LEU B 302 -2.32 4.94 -21.15
N ASN B 303 -2.42 6.06 -21.86
CA ASN B 303 -1.54 6.38 -22.97
C ASN B 303 -0.21 6.87 -22.43
N VAL B 304 0.89 6.33 -22.94
CA VAL B 304 2.23 6.84 -22.67
C VAL B 304 3.02 6.81 -23.98
N SER B 305 4.26 7.29 -23.92
CA SER B 305 5.07 7.38 -25.13
C SER B 305 5.51 5.98 -25.56
N PRO B 306 5.85 5.82 -26.84
CA PRO B 306 6.35 4.50 -27.27
C PRO B 306 7.50 4.01 -26.40
N SER B 307 8.46 4.88 -26.06
CA SER B 307 9.60 4.42 -25.28
C SER B 307 9.20 4.06 -23.85
N ASN B 308 8.29 4.84 -23.25
CA ASN B 308 7.86 4.49 -21.89
C ASN B 308 7.01 3.23 -21.88
N ALA B 309 6.17 3.01 -22.90
CA ALA B 309 5.40 1.78 -22.98
C ALA B 309 6.32 0.57 -23.10
N GLN B 310 7.36 0.66 -23.93
CA GLN B 310 8.29 -0.45 -24.05
C GLN B 310 9.05 -0.67 -22.75
N TRP B 311 9.43 0.40 -22.09
CA TRP B 311 10.05 0.28 -20.77
C TRP B 311 9.12 -0.47 -19.82
N PHE B 312 7.86 -0.05 -19.75
CA PHE B 312 6.88 -0.72 -18.89
C PHE B 312 6.75 -2.20 -19.23
N TYR B 313 6.69 -2.51 -20.53
CA TYR B 313 6.59 -3.90 -20.96
C TYR B 313 7.80 -4.70 -20.50
N ASP B 314 8.99 -4.07 -20.53
CA ASP B 314 10.24 -4.77 -20.22
C ASP B 314 10.47 -4.93 -18.71
N HIS B 315 9.90 -4.04 -17.90
CA HIS B 315 10.27 -3.95 -16.49
C HIS B 315 9.15 -4.27 -15.52
N VAL B 316 7.94 -4.50 -15.99
CA VAL B 316 6.81 -4.87 -15.15
C VAL B 316 6.44 -6.30 -15.51
N LYS B 317 6.03 -7.08 -14.50
CA LYS B 317 5.69 -8.48 -14.64
C LYS B 317 4.28 -8.69 -14.13
N ARG B 318 3.72 -9.86 -14.46
CA ARG B 318 2.44 -10.27 -13.92
C ARG B 318 2.45 -10.18 -12.40
N GLY B 319 1.43 -9.53 -11.85
CA GLY B 319 1.29 -9.42 -10.41
C GLY B 319 1.80 -8.10 -9.86
N ASP B 320 2.52 -7.34 -10.66
CA ASP B 320 2.84 -5.97 -10.27
C ASP B 320 1.55 -5.13 -10.19
N ILE B 321 1.67 -3.94 -9.59
CA ILE B 321 0.51 -3.11 -9.25
C ILE B 321 0.53 -1.79 -10.01
N VAL B 322 -0.64 -1.40 -10.52
CA VAL B 322 -0.88 -0.03 -11.00
C VAL B 322 -2.03 0.56 -10.19
N GLU B 323 -1.79 1.71 -9.55
CA GLU B 323 -2.80 2.37 -8.75
C GLU B 323 -3.16 3.70 -9.39
N VAL B 324 -4.44 3.91 -9.61
CA VAL B 324 -4.96 5.11 -10.24
C VAL B 324 -5.64 5.94 -9.16
N VAL B 325 -5.32 7.25 -9.10
CA VAL B 325 -5.88 8.12 -8.09
C VAL B 325 -6.32 9.43 -8.73
N ASN B 326 -7.32 10.05 -8.11
CA ASN B 326 -7.78 11.40 -8.40
C ASN B 326 -8.44 11.55 -9.78
N THR B 327 -8.89 10.48 -10.41
CA THR B 327 -9.63 10.67 -11.65
C THR B 327 -11.08 11.03 -11.35
N VAL B 328 -11.79 11.46 -12.39
CA VAL B 328 -13.22 11.74 -12.24
C VAL B 328 -14.05 10.48 -12.38
N GLY B 329 -13.42 9.34 -12.64
CA GLY B 329 -14.13 8.09 -12.73
C GLY B 329 -14.53 7.58 -11.36
N GLY B 330 -15.11 6.37 -11.36
CA GLY B 330 -15.45 5.71 -10.13
C GLY B 330 -14.30 4.87 -9.65
N THR B 331 -14.61 3.70 -9.12
CA THR B 331 -13.60 2.74 -8.68
C THR B 331 -13.74 1.46 -9.50
N LEU B 332 -12.60 0.85 -9.80
CA LEU B 332 -12.60 -0.42 -10.53
C LEU B 332 -13.36 -1.47 -9.73
N PRO B 333 -14.27 -2.22 -10.34
CA PRO B 333 -14.99 -3.25 -9.59
C PRO B 333 -14.04 -4.32 -9.05
N GLY B 334 -14.23 -4.68 -7.78
CA GLY B 334 -13.40 -5.71 -7.16
C GLY B 334 -13.45 -7.06 -7.86
N ILE B 335 -14.52 -7.35 -8.58
CA ILE B 335 -14.65 -8.64 -9.28
C ILE B 335 -14.33 -8.50 -10.76
N ASP B 336 -13.61 -7.44 -11.14
CA ASP B 336 -13.20 -7.27 -12.54
C ASP B 336 -12.50 -8.51 -13.07
N GLY B 337 -11.65 -9.12 -12.25
CA GLY B 337 -10.68 -10.11 -12.68
C GLY B 337 -9.25 -9.71 -12.35
N LEU B 338 -8.96 -8.41 -12.37
CA LEU B 338 -7.67 -7.91 -11.89
C LEU B 338 -7.86 -6.81 -10.86
N GLY B 339 -9.06 -6.72 -10.26
CA GLY B 339 -9.35 -5.66 -9.30
C GLY B 339 -9.53 -6.14 -7.87
N ASP B 340 -9.01 -7.36 -7.61
CA ASP B 340 -9.20 -8.02 -6.32
C ASP B 340 -8.94 -7.10 -5.13
N TRP B 341 -7.92 -6.25 -5.23
CA TRP B 341 -7.51 -5.46 -4.07
C TRP B 341 -8.48 -4.33 -3.77
N ASN B 342 -9.45 -4.06 -4.64
CA ASN B 342 -10.44 -3.03 -4.34
C ASN B 342 -11.57 -3.53 -3.44
N ILE B 343 -11.60 -4.81 -3.11
CA ILE B 343 -12.56 -5.32 -2.14
C ILE B 343 -11.97 -5.12 -0.76
N PRO B 344 -12.66 -4.43 0.16
CA PRO B 344 -12.10 -4.28 1.51
C PRO B 344 -11.85 -5.64 2.16
N TRP B 345 -10.77 -5.70 2.94
CA TRP B 345 -10.34 -6.98 3.51
C TRP B 345 -11.45 -7.62 4.34
N ASP B 346 -12.21 -6.81 5.08
CA ASP B 346 -13.27 -7.39 5.90
C ASP B 346 -14.26 -8.16 5.03
N GLN B 347 -14.68 -7.59 3.91
CA GLN B 347 -15.55 -8.30 2.98
C GLN B 347 -14.83 -9.48 2.36
N TRP B 348 -13.56 -9.31 1.97
CA TRP B 348 -12.82 -10.40 1.34
C TRP B 348 -12.67 -11.57 2.31
N ARG B 349 -12.19 -11.29 3.53
CA ARG B 349 -11.98 -12.34 4.51
C ARG B 349 -13.28 -13.08 4.80
N ALA B 350 -14.40 -12.37 4.92
CA ALA B 350 -15.67 -13.02 5.22
C ALA B 350 -16.06 -14.00 4.12
N GLY B 351 -15.60 -13.75 2.91
CA GLY B 351 -15.83 -14.66 1.80
C GLY B 351 -17.26 -14.62 1.33
N ASN B 352 -17.54 -15.47 0.34
CA ASN B 352 -18.88 -15.60 -0.19
C ASN B 352 -19.14 -17.05 -0.56
N ALA B 353 -18.60 -17.98 0.23
CA ALA B 353 -18.86 -19.38 -0.02
C ALA B 353 -20.33 -19.71 0.17
N LYS B 354 -21.03 -18.95 1.00
CA LYS B 354 -22.41 -19.18 1.35
C LYS B 354 -22.54 -20.46 2.15
N NH4 C . 9.54 24.75 7.93
C1 GOL D . 12.64 27.22 -7.57
O1 GOL D . 13.91 27.27 -6.95
C2 GOL D . 12.71 28.09 -8.81
O2 GOL D . 13.63 27.52 -9.69
C3 GOL D . 11.36 28.15 -9.50
O3 GOL D . 10.53 29.15 -8.96
N NH4 E . 0.02 13.17 -1.13
C11 9JT F . 30.30 37.53 15.35
C11 9JT F . 26.19 34.20 11.84
C12 9JT F . 31.20 38.05 16.28
C12 9JT F . 26.80 34.39 10.61
C13 9JT F . 32.38 37.38 16.56
C13 9JT F . 27.11 33.30 9.81
C14 9JT F . 32.66 36.19 15.90
C14 9JT F . 26.80 32.02 10.23
C15 9JT F . 31.77 35.67 14.99
C15 9JT F . 26.19 31.83 11.46
O09 9JT F . 27.90 36.61 13.98
O09 9JT F . 27.03 36.93 11.62
C08 9JT F . 27.91 37.72 14.40
C08 9JT F . 26.31 36.66 12.51
C07 9JT F . 26.68 38.61 14.24
C07 9JT F . 25.89 37.77 13.45
C06 9JT F . 26.51 39.62 15.18
C06 9JT F . 26.87 38.50 14.12
C05 9JT F . 25.41 40.46 15.10
C05 9JT F . 26.50 39.52 14.98
C04 9JT F . 24.48 40.29 14.09
C04 9JT F . 25.16 39.82 15.16
C03 9JT F . 24.66 39.29 13.16
C03 9JT F . 24.19 39.10 14.48
C02 9JT F . 25.76 38.43 13.23
C02 9JT F . 24.55 38.07 13.62
SE1 9JT F . 25.89 37.03 11.87
SE1 9JT F . 23.19 37.05 12.65
N10 9JT F . 29.06 38.27 15.11
N10 9JT F . 25.82 35.30 12.72
C16 9JT F . 30.59 36.34 14.72
C16 9JT F . 25.89 32.92 12.26
C1 EDO G . -7.07 -48.58 -10.89
O1 EDO G . -6.64 -48.87 -9.56
C2 EDO G . -7.98 -49.69 -11.36
O2 EDO G . -9.21 -49.66 -10.63
N NH4 H . -5.02 -14.60 -11.50
C11 9JT I . -10.80 -0.24 -23.49
C12 9JT I . -10.79 0.57 -22.36
C13 9JT I . -11.72 0.38 -21.36
C14 9JT I . -12.66 -0.63 -21.48
C15 9JT I . -12.68 -1.44 -22.60
O09 9JT I . -10.13 2.21 -24.59
C08 9JT I . -9.54 1.29 -25.04
C07 9JT I . -8.50 1.51 -26.14
C06 9JT I . -8.89 2.25 -27.26
C05 9JT I . -7.97 2.48 -28.27
C04 9JT I . -6.69 1.98 -28.18
C03 9JT I . -6.30 1.26 -27.06
C02 9JT I . -7.21 1.01 -26.04
SE1 9JT I . -6.59 -0.01 -24.50
N10 9JT I . -9.82 -0.04 -24.54
C16 9JT I . -11.74 -1.24 -23.60
C1 EDO J . -24.88 -30.47 -20.72
O1 EDO J . -26.25 -30.05 -20.76
C2 EDO J . -24.13 -29.69 -21.80
O2 EDO J . -24.51 -28.31 -21.73
#